data_9H9B
#
_entry.id   9H9B
#
_cell.length_a   93.320
_cell.length_b   93.320
_cell.length_c   275.510
_cell.angle_alpha   90.00
_cell.angle_beta   90.00
_cell.angle_gamma   90.00
#
_symmetry.space_group_name_H-M   'P 41 21 2'
#
loop_
_entity.id
_entity.type
_entity.pdbx_description
1 polymer Cry8Ba2
2 water water
#
_entity_poly.entity_id   1
_entity_poly.type   'polypeptide(L)'
_entity_poly.pdbx_seq_one_letter_code
;MSPNNQNEYEIIDATPSTSVSNDSNRYPFANEPTNALQNMDYKDYLKMSAGNVSEYPGSPEVFLSEQDAVKAAIDIVGKL
LTGLGVPFVGPIVSLYTQLIDILWPSKQKSQWEIFMEQVEELINQKIAEYARNKALSELEGLGNNYQLYLTALEEWKENP
NGSRALRDVRNRFEILDSLFTQYMPSFRVTNFEVPFLTVYTMAANLHLLLLRDASIFGEEWGLSTSTINNYYNRQMKLTA
EYSDHCVKWYETGLAKLKGSSAKQWIDYNQFRREMTLTVLDVVALFSNYDTRTYPLATTAQLTREVYTDPLGAVDVPNIG
SWYDKAPSFSEIEKAAIRPPHEFDYITGLTVYTKKRSFTSDRYMRYWAGHQISYKTIGTSSTFTQMYGTNQNLQSTSNFD
FTNYDIYKTLSNDAVLLDIVYPGYTYTFFGMPETEFFMVNQLNNTRKTLTYKPASKDIIDRTRDSELELPPETSGQPNYE
SYSHRLGHITFIYSSSTSTYVPVFSWTHRSADLTNTVKSGEITQIPGGKSSYIGRNTYIIKGRGYTGGDLLALTDRIGSC
EFQMIFPESQRFRIRIRYASNETSYISLYGLNQSGTLKFNQTYSNKNENDLTYNDFKYIEYPRVISVNASSNIQRLSIGI
QTNTNLFILDRIEFIPVDETYEAETDLEAAKKAVNALFTNTKDGLQPGVTDYEVNQAANLVECLSDDLYPNEKRLLFDAV
REAKRLSEARNLLQDPDFQEINGENGWTASTGIEVIEGDAVFKGRYLRLPGAREIDTETYPTYLYQKVEEGVLKPYTRYR
LRGFVGSSQGLEIYTIRHQTNRIVKNVPDDLLPDVPPVNNDGRINRCSEQKYVNSRLEVENRSGEAHEFSIPIDTGELDY
NENAGIWVGFKITDPEGYATLGNLELVEEGPLSGDALERLQKEEQQWKIQMTRRREETDRRYMASKQAVDRLYADYQDQQ
LNPNVEITDLTAAQDLIQSIPYVYNEMFPEIPGMNYTKFTELTDRLQQAWGLYDQRNAIPNGDYRNELSNWNTTSGVNVQ
QINHTSVLVIPNWNEQVSQKFTVQPNQRYVLRVTARKEGVGNGYVSIRDGGNQSETLTFSASDYDTNGMYDTQASNTNGY
NTNSVYNDQTGYITKTVTFIPYTNQMWIEISETEGTFYIESVELIVDVE
;
_entity_poly.pdbx_strand_id   A
#
# COMPACT_ATOMS: atom_id res chain seq x y z
N ASN A 35 -58.51 -34.42 12.00
CA ASN A 35 -58.85 -32.97 12.06
C ASN A 35 -58.20 -32.26 10.87
N ALA A 36 -56.86 -32.26 10.83
CA ALA A 36 -56.14 -31.82 9.64
C ALA A 36 -56.22 -32.90 8.55
N LEU A 37 -56.51 -34.15 8.95
CA LEU A 37 -56.52 -35.29 8.04
C LEU A 37 -57.73 -35.27 7.09
N GLN A 38 -58.87 -34.68 7.51
CA GLN A 38 -60.15 -34.87 6.83
C GLN A 38 -60.27 -34.06 5.53
N ASN A 39 -59.67 -32.85 5.49
CA ASN A 39 -59.81 -31.99 4.31
C ASN A 39 -58.58 -32.09 3.42
N MET A 40 -57.64 -32.95 3.83
CA MET A 40 -56.36 -33.15 3.18
C MET A 40 -56.51 -34.05 1.95
N ASP A 41 -55.61 -33.83 0.97
CA ASP A 41 -55.45 -34.64 -0.22
C ASP A 41 -54.53 -35.83 0.05
N TYR A 42 -54.58 -36.85 -0.82
CA TYR A 42 -53.70 -38.00 -0.67
C TYR A 42 -52.24 -37.57 -0.90
N LYS A 43 -52.00 -36.60 -1.79
CA LYS A 43 -50.63 -36.14 -2.06
C LYS A 43 -50.01 -35.50 -0.82
N ASP A 44 -50.80 -34.70 -0.08
CA ASP A 44 -50.35 -34.00 1.11
C ASP A 44 -50.06 -34.98 2.24
N TYR A 45 -50.84 -36.07 2.32
CA TYR A 45 -50.69 -37.05 3.38
C TYR A 45 -49.37 -37.79 3.21
N LEU A 46 -48.98 -38.07 1.95
CA LEU A 46 -47.75 -38.80 1.66
C LEU A 46 -46.51 -37.91 1.81
N LYS A 47 -46.65 -36.59 1.61
CA LYS A 47 -45.57 -35.63 1.83
C LYS A 47 -45.35 -35.37 3.33
N MET A 48 -46.36 -35.65 4.15
CA MET A 48 -46.24 -35.61 5.61
C MET A 48 -45.27 -36.69 6.09
N SER A 49 -45.77 -37.93 6.22
CA SER A 49 -44.96 -39.11 6.54
C SER A 49 -44.04 -38.88 7.74
N ALA A 50 -43.21 -39.90 8.06
CA ALA A 50 -42.44 -40.02 9.29
C ALA A 50 -42.64 -38.83 10.23
N GLY A 51 -43.64 -38.93 11.11
CA GLY A 51 -44.06 -37.85 12.00
C GLY A 51 -45.49 -37.42 11.67
N ASN A 52 -45.98 -36.36 12.33
CA ASN A 52 -47.24 -35.73 11.95
C ASN A 52 -47.04 -34.21 11.82
N VAL A 53 -47.50 -33.68 10.68
CA VAL A 53 -47.37 -32.27 10.30
C VAL A 53 -48.77 -31.69 10.10
N SER A 54 -48.89 -30.45 9.60
CA SER A 54 -50.19 -29.84 9.34
C SER A 54 -50.61 -30.05 7.88
N GLU A 55 -50.93 -28.97 7.13
CA GLU A 55 -51.54 -29.11 5.82
C GLU A 55 -50.56 -28.75 4.70
N TYR A 56 -50.15 -27.47 4.66
CA TYR A 56 -49.20 -26.94 3.68
C TYR A 56 -49.82 -26.93 2.27
N PRO A 57 -50.84 -26.08 2.00
CA PRO A 57 -51.48 -26.03 0.69
C PRO A 57 -50.80 -25.08 -0.31
N GLY A 58 -50.03 -25.66 -1.25
CA GLY A 58 -49.32 -24.88 -2.24
C GLY A 58 -49.68 -25.33 -3.66
N SER A 59 -49.41 -24.45 -4.64
CA SER A 59 -49.63 -24.72 -6.05
C SER A 59 -48.27 -24.79 -6.77
N PRO A 60 -47.54 -25.94 -6.70
CA PRO A 60 -46.25 -26.07 -7.40
C PRO A 60 -46.40 -26.29 -8.91
N GLU A 61 -46.18 -25.21 -9.68
CA GLU A 61 -46.14 -25.25 -11.14
C GLU A 61 -47.49 -24.81 -11.74
N VAL A 62 -48.59 -25.16 -11.06
CA VAL A 62 -49.95 -24.98 -11.58
C VAL A 62 -50.39 -23.53 -11.36
N PHE A 63 -51.33 -23.06 -12.20
CA PHE A 63 -51.81 -21.68 -12.24
C PHE A 63 -50.69 -20.82 -12.84
N LEU A 64 -50.66 -19.52 -12.49
CA LEU A 64 -49.59 -18.60 -12.85
C LEU A 64 -48.27 -19.38 -12.95
N SER A 65 -47.45 -19.06 -13.98
CA SER A 65 -46.19 -19.75 -14.22
C SER A 65 -44.99 -18.81 -14.01
N GLU A 66 -45.23 -17.74 -13.22
CA GLU A 66 -44.17 -16.98 -12.56
C GLU A 66 -43.68 -17.76 -11.33
N GLN A 67 -44.60 -18.48 -10.67
CA GLN A 67 -44.27 -19.37 -9.57
C GLN A 67 -43.49 -20.58 -10.09
N ASP A 68 -43.96 -21.20 -11.19
CA ASP A 68 -43.27 -22.36 -11.77
C ASP A 68 -41.86 -21.99 -12.21
N ALA A 69 -41.64 -20.74 -12.66
CA ALA A 69 -40.30 -20.28 -13.01
C ALA A 69 -39.45 -20.07 -11.77
N VAL A 70 -40.09 -19.50 -10.74
CA VAL A 70 -39.44 -19.19 -9.47
C VAL A 70 -39.10 -20.50 -8.76
N LYS A 71 -40.04 -21.46 -8.80
CA LYS A 71 -39.84 -22.82 -8.30
C LYS A 71 -38.61 -23.45 -8.96
N ALA A 72 -38.46 -23.30 -10.28
CA ALA A 72 -37.36 -23.91 -11.00
C ALA A 72 -36.04 -23.22 -10.64
N ALA A 73 -36.01 -21.89 -10.66
CA ALA A 73 -34.81 -21.16 -10.25
C ALA A 73 -34.35 -21.56 -8.85
N ILE A 74 -35.29 -21.66 -7.90
CA ILE A 74 -34.94 -21.97 -6.53
C ILE A 74 -34.32 -23.36 -6.44
N ASP A 75 -34.89 -24.36 -7.13
CA ASP A 75 -34.35 -25.71 -7.13
C ASP A 75 -32.96 -25.73 -7.75
N ILE A 76 -32.78 -24.99 -8.84
CA ILE A 76 -31.52 -24.99 -9.57
C ILE A 76 -30.42 -24.39 -8.70
N VAL A 77 -30.65 -23.18 -8.17
CA VAL A 77 -29.71 -22.50 -7.30
C VAL A 77 -29.41 -23.41 -6.11
N GLY A 78 -30.43 -24.07 -5.55
CA GLY A 78 -30.24 -24.97 -4.43
C GLY A 78 -29.32 -26.16 -4.72
N LYS A 79 -29.38 -26.73 -5.94
CA LYS A 79 -28.53 -27.89 -6.28
C LYS A 79 -27.11 -27.41 -6.62
N LEU A 80 -26.99 -26.27 -7.32
CA LEU A 80 -25.69 -25.69 -7.60
C LEU A 80 -24.93 -25.42 -6.29
N LEU A 81 -25.62 -25.01 -5.22
CA LEU A 81 -24.93 -24.66 -3.98
C LEU A 81 -24.25 -25.87 -3.35
N THR A 82 -24.81 -27.08 -3.50
CA THR A 82 -24.24 -28.25 -2.83
C THR A 82 -23.10 -28.83 -3.65
N GLY A 83 -22.85 -28.34 -4.88
CA GLY A 83 -21.75 -28.84 -5.67
C GLY A 83 -20.87 -27.74 -6.28
N LEU A 84 -20.54 -26.68 -5.52
CA LEU A 84 -19.52 -25.74 -5.95
C LEU A 84 -18.13 -26.28 -5.58
N GLY A 85 -17.16 -26.14 -6.50
CA GLY A 85 -15.77 -26.48 -6.25
C GLY A 85 -15.47 -27.98 -6.39
N VAL A 86 -16.48 -28.82 -6.08
CA VAL A 86 -16.36 -30.28 -6.03
C VAL A 86 -15.97 -30.82 -7.41
N PRO A 87 -14.77 -31.43 -7.54
CA PRO A 87 -14.34 -32.03 -8.80
C PRO A 87 -14.52 -33.53 -9.06
N PHE A 88 -15.63 -34.12 -8.58
CA PHE A 88 -15.79 -35.57 -8.60
C PHE A 88 -16.95 -35.98 -9.51
N VAL A 89 -16.74 -37.13 -10.16
CA VAL A 89 -17.55 -37.54 -11.29
C VAL A 89 -18.97 -37.85 -10.84
N GLY A 90 -19.13 -38.50 -9.68
CA GLY A 90 -20.41 -38.98 -9.21
C GLY A 90 -21.36 -37.83 -8.87
N PRO A 91 -20.93 -36.87 -8.04
CA PRO A 91 -21.68 -35.63 -7.80
C PRO A 91 -22.00 -34.76 -9.02
N ILE A 92 -21.07 -34.69 -9.96
CA ILE A 92 -21.28 -33.90 -11.17
C ILE A 92 -22.33 -34.60 -12.03
N VAL A 93 -22.15 -35.90 -12.28
CA VAL A 93 -23.16 -36.66 -13.01
C VAL A 93 -24.52 -36.44 -12.37
N SER A 94 -24.57 -36.60 -11.02
CA SER A 94 -25.82 -36.53 -10.26
C SER A 94 -26.44 -35.13 -10.39
N LEU A 95 -25.58 -34.13 -10.48
CA LEU A 95 -26.01 -32.75 -10.59
C LEU A 95 -26.65 -32.52 -11.95
N TYR A 96 -25.91 -32.84 -13.02
CA TYR A 96 -26.40 -32.64 -14.38
C TYR A 96 -27.74 -33.34 -14.56
N THR A 97 -27.87 -34.54 -13.95
CA THR A 97 -29.11 -35.29 -13.96
C THR A 97 -30.28 -34.40 -13.52
N GLN A 98 -30.16 -33.72 -12.36
CA GLN A 98 -31.31 -33.00 -11.81
C GLN A 98 -31.56 -31.72 -12.59
N LEU A 99 -30.49 -31.09 -13.11
CA LEU A 99 -30.60 -29.86 -13.87
C LEU A 99 -31.44 -30.10 -15.13
N ILE A 100 -31.09 -31.17 -15.86
CA ILE A 100 -31.76 -31.54 -17.10
C ILE A 100 -33.22 -31.92 -16.86
N ASP A 101 -33.55 -32.54 -15.71
CA ASP A 101 -34.91 -32.95 -15.42
C ASP A 101 -35.79 -31.71 -15.17
N ILE A 102 -35.18 -30.60 -14.72
CA ILE A 102 -35.90 -29.36 -14.47
C ILE A 102 -36.09 -28.59 -15.78
N LEU A 103 -35.01 -28.48 -16.57
CA LEU A 103 -34.94 -27.58 -17.72
C LEU A 103 -35.56 -28.23 -18.95
N TRP A 104 -35.57 -29.57 -18.98
CA TRP A 104 -36.15 -30.35 -20.07
C TRP A 104 -37.01 -31.46 -19.52
N PRO A 105 -38.17 -31.13 -18.91
CA PRO A 105 -39.08 -32.15 -18.40
C PRO A 105 -39.79 -32.82 -19.57
N SER A 106 -40.39 -33.98 -19.29
CA SER A 106 -41.13 -34.72 -20.30
C SER A 106 -42.55 -34.16 -20.45
N LYS A 107 -42.82 -33.04 -19.77
CA LYS A 107 -44.15 -32.45 -19.70
C LYS A 107 -44.44 -31.69 -21.01
N GLN A 108 -45.61 -31.06 -21.05
CA GLN A 108 -46.22 -30.59 -22.29
C GLN A 108 -45.57 -29.29 -22.75
N LYS A 109 -45.49 -28.29 -21.84
CA LYS A 109 -44.90 -26.99 -22.16
C LYS A 109 -43.41 -27.02 -21.85
N SER A 110 -42.65 -26.32 -22.70
CA SER A 110 -41.22 -26.12 -22.54
C SER A 110 -40.96 -25.23 -21.32
N GLN A 111 -39.96 -25.60 -20.52
CA GLN A 111 -39.62 -24.84 -19.32
C GLN A 111 -39.04 -23.48 -19.73
N TRP A 112 -38.47 -23.44 -20.95
CA TRP A 112 -37.88 -22.22 -21.50
C TRP A 112 -38.96 -21.20 -21.84
N GLU A 113 -40.07 -21.69 -22.43
CA GLU A 113 -41.17 -20.82 -22.79
C GLU A 113 -41.69 -20.14 -21.53
N ILE A 114 -41.82 -20.91 -20.43
CA ILE A 114 -42.26 -20.42 -19.13
C ILE A 114 -41.31 -19.34 -18.61
N PHE A 115 -40.00 -19.47 -18.88
CA PHE A 115 -39.05 -18.45 -18.45
C PHE A 115 -39.26 -17.17 -19.26
N MET A 116 -39.67 -17.32 -20.53
CA MET A 116 -40.03 -16.16 -21.35
C MET A 116 -41.31 -15.55 -20.80
N GLU A 117 -42.36 -16.36 -20.60
CA GLU A 117 -43.65 -15.83 -20.17
C GLU A 117 -43.46 -15.03 -18.89
N GLN A 118 -42.57 -15.53 -18.02
CA GLN A 118 -42.27 -14.90 -16.74
C GLN A 118 -41.87 -13.43 -16.92
N VAL A 119 -40.88 -13.16 -17.78
CA VAL A 119 -40.39 -11.79 -17.85
C VAL A 119 -41.31 -10.95 -18.71
N GLU A 120 -41.88 -11.53 -19.76
CA GLU A 120 -42.73 -10.79 -20.68
C GLU A 120 -43.96 -10.22 -20.01
N GLU A 121 -44.45 -10.92 -18.98
CA GLU A 121 -45.70 -10.59 -18.29
C GLU A 121 -45.42 -9.61 -17.15
N LEU A 122 -44.17 -9.57 -16.69
CA LEU A 122 -43.71 -8.57 -15.73
C LEU A 122 -43.51 -7.21 -16.39
N ILE A 123 -42.97 -7.17 -17.61
CA ILE A 123 -42.64 -5.89 -18.21
C ILE A 123 -43.66 -5.51 -19.27
N ASN A 124 -44.74 -6.31 -19.38
CA ASN A 124 -45.76 -6.11 -20.40
C ASN A 124 -45.14 -5.90 -21.77
N GLN A 125 -44.40 -6.89 -22.26
CA GLN A 125 -43.86 -6.86 -23.60
C GLN A 125 -43.56 -8.29 -24.09
N LYS A 126 -44.15 -8.66 -25.23
CA LYS A 126 -43.90 -9.95 -25.84
C LYS A 126 -42.67 -9.87 -26.75
N ILE A 127 -41.86 -10.92 -26.78
CA ILE A 127 -40.76 -11.07 -27.73
C ILE A 127 -41.35 -11.34 -29.11
N ALA A 128 -40.76 -10.76 -30.16
CA ALA A 128 -41.30 -10.89 -31.51
C ALA A 128 -41.30 -12.36 -31.95
N GLU A 129 -42.27 -12.72 -32.80
CA GLU A 129 -42.62 -14.10 -33.11
C GLU A 129 -41.41 -14.86 -33.64
N TYR A 130 -40.74 -14.32 -34.67
CA TYR A 130 -39.72 -15.06 -35.38
C TYR A 130 -38.56 -15.36 -34.42
N ALA A 131 -38.17 -14.39 -33.60
CA ALA A 131 -37.06 -14.59 -32.66
C ALA A 131 -37.46 -15.47 -31.47
N ARG A 132 -38.73 -15.41 -31.05
CA ARG A 132 -39.21 -16.24 -29.95
C ARG A 132 -39.17 -17.71 -30.36
N ASN A 133 -39.64 -18.02 -31.57
CA ASN A 133 -39.76 -19.40 -32.05
C ASN A 133 -38.40 -19.99 -32.40
N LYS A 134 -37.47 -19.15 -32.85
CA LYS A 134 -36.13 -19.60 -33.15
C LYS A 134 -35.47 -20.08 -31.87
N ALA A 135 -35.43 -19.21 -30.85
CA ALA A 135 -34.76 -19.55 -29.60
C ALA A 135 -35.29 -20.87 -29.03
N LEU A 136 -36.61 -21.02 -29.00
CA LEU A 136 -37.22 -22.20 -28.41
C LEU A 136 -36.78 -23.43 -29.18
N SER A 137 -36.69 -23.29 -30.51
CA SER A 137 -36.27 -24.40 -31.37
C SER A 137 -34.83 -24.79 -31.06
N GLU A 138 -33.96 -23.79 -30.90
CA GLU A 138 -32.56 -24.01 -30.58
C GLU A 138 -32.38 -24.61 -29.18
N LEU A 139 -33.28 -24.26 -28.24
CA LEU A 139 -33.15 -24.74 -26.87
C LEU A 139 -33.76 -26.14 -26.70
N GLU A 140 -34.73 -26.51 -27.55
CA GLU A 140 -35.16 -27.91 -27.64
C GLU A 140 -33.99 -28.74 -28.18
N GLY A 141 -33.27 -28.20 -29.17
CA GLY A 141 -32.11 -28.86 -29.75
C GLY A 141 -30.98 -29.00 -28.73
N LEU A 142 -30.74 -27.94 -27.95
CA LEU A 142 -29.76 -28.00 -26.87
C LEU A 142 -30.09 -29.15 -25.94
N GLY A 143 -31.38 -29.32 -25.64
CA GLY A 143 -31.85 -30.38 -24.75
C GLY A 143 -31.41 -31.77 -25.22
N ASN A 144 -31.74 -32.09 -26.48
CA ASN A 144 -31.35 -33.36 -27.06
C ASN A 144 -29.86 -33.62 -26.86
N ASN A 145 -29.03 -32.61 -27.18
CA ASN A 145 -27.59 -32.77 -27.14
C ASN A 145 -27.07 -32.92 -25.72
N TYR A 146 -27.67 -32.18 -24.77
CA TYR A 146 -27.32 -32.28 -23.36
C TYR A 146 -27.62 -33.66 -22.82
N GLN A 147 -28.71 -34.29 -23.29
CA GLN A 147 -29.13 -35.59 -22.80
C GLN A 147 -28.22 -36.69 -23.35
N LEU A 148 -27.56 -36.38 -24.47
CA LEU A 148 -26.55 -37.23 -25.09
C LEU A 148 -25.21 -37.00 -24.37
N TYR A 149 -25.03 -35.79 -23.82
CA TYR A 149 -23.87 -35.45 -23.01
C TYR A 149 -23.94 -36.21 -21.69
N LEU A 150 -25.15 -36.35 -21.14
CA LEU A 150 -25.33 -36.98 -19.83
C LEU A 150 -24.99 -38.46 -19.93
N THR A 151 -25.48 -39.16 -20.96
CA THR A 151 -25.29 -40.60 -21.06
C THR A 151 -23.80 -40.91 -21.20
N ALA A 152 -23.11 -40.14 -22.05
CA ALA A 152 -21.68 -40.33 -22.29
C ALA A 152 -20.86 -40.05 -21.04
N LEU A 153 -21.48 -39.38 -20.08
CA LEU A 153 -20.87 -39.00 -18.81
C LEU A 153 -21.05 -40.15 -17.82
N GLU A 154 -22.26 -40.74 -17.81
CA GLU A 154 -22.55 -41.91 -17.00
C GLU A 154 -21.78 -43.12 -17.52
N GLU A 155 -21.50 -43.14 -18.83
CA GLU A 155 -20.73 -44.22 -19.43
C GLU A 155 -19.29 -44.16 -18.96
N TRP A 156 -18.80 -42.94 -18.68
CA TRP A 156 -17.41 -42.73 -18.32
C TRP A 156 -17.20 -42.95 -16.82
N LYS A 157 -18.28 -42.87 -16.05
CA LYS A 157 -18.26 -43.18 -14.62
C LYS A 157 -18.38 -44.68 -14.39
N GLU A 158 -18.27 -45.48 -15.46
CA GLU A 158 -18.32 -46.93 -15.35
C GLU A 158 -17.02 -47.53 -15.90
N ASN A 159 -16.66 -47.09 -17.12
CA ASN A 159 -15.47 -47.54 -17.81
C ASN A 159 -14.58 -46.32 -18.06
N PRO A 160 -13.91 -45.77 -17.03
CA PRO A 160 -13.08 -44.58 -17.20
C PRO A 160 -11.69 -44.68 -17.85
N ASN A 161 -11.37 -45.79 -18.55
CA ASN A 161 -10.00 -46.10 -18.91
C ASN A 161 -9.91 -46.80 -20.28
N GLY A 162 -9.73 -45.99 -21.34
CA GLY A 162 -9.68 -46.46 -22.72
C GLY A 162 -10.59 -45.63 -23.61
N SER A 163 -10.53 -45.85 -24.93
CA SER A 163 -11.33 -45.08 -25.88
C SER A 163 -12.64 -45.80 -26.20
N ARG A 164 -13.61 -45.71 -25.27
CA ARG A 164 -14.96 -46.21 -25.48
C ARG A 164 -15.95 -45.08 -25.17
N ALA A 165 -16.15 -44.81 -23.87
CA ALA A 165 -16.99 -43.71 -23.44
C ALA A 165 -16.19 -42.40 -23.44
N LEU A 166 -14.92 -42.49 -23.89
CA LEU A 166 -13.99 -41.37 -23.90
C LEU A 166 -14.16 -40.56 -25.19
N ARG A 167 -14.39 -41.25 -26.31
CA ARG A 167 -14.61 -40.58 -27.58
C ARG A 167 -15.98 -39.88 -27.56
N ASP A 168 -17.01 -40.56 -27.05
CA ASP A 168 -18.35 -39.98 -26.97
C ASP A 168 -18.29 -38.63 -26.28
N VAL A 169 -17.76 -38.65 -25.05
CA VAL A 169 -17.92 -37.56 -24.09
C VAL A 169 -17.09 -36.35 -24.52
N ARG A 170 -15.85 -36.58 -24.97
CA ARG A 170 -14.96 -35.52 -25.41
C ARG A 170 -15.55 -34.79 -26.62
N ASN A 171 -16.42 -35.49 -27.36
CA ASN A 171 -16.94 -35.03 -28.64
C ASN A 171 -18.30 -34.35 -28.43
N ARG A 172 -19.15 -34.95 -27.59
CA ARG A 172 -20.41 -34.33 -27.17
C ARG A 172 -20.13 -33.01 -26.44
N PHE A 173 -18.93 -32.92 -25.83
CA PHE A 173 -18.49 -31.69 -25.17
C PHE A 173 -18.23 -30.61 -26.23
N GLU A 174 -17.36 -30.94 -27.20
CA GLU A 174 -17.00 -30.02 -28.28
C GLU A 174 -18.24 -29.48 -29.00
N ILE A 175 -19.19 -30.39 -29.29
CA ILE A 175 -20.42 -30.04 -29.99
C ILE A 175 -21.19 -28.97 -29.21
N LEU A 176 -21.23 -29.11 -27.88
CA LEU A 176 -22.02 -28.21 -27.06
C LEU A 176 -21.36 -26.84 -27.00
N ASP A 177 -20.02 -26.80 -26.94
CA ASP A 177 -19.30 -25.54 -26.95
C ASP A 177 -19.71 -24.72 -28.18
N SER A 178 -19.71 -25.35 -29.37
CA SER A 178 -20.00 -24.63 -30.61
C SER A 178 -21.47 -24.23 -30.69
N LEU A 179 -22.35 -25.07 -30.14
CA LEU A 179 -23.78 -24.75 -30.09
C LEU A 179 -24.00 -23.49 -29.25
N PHE A 180 -23.31 -23.38 -28.11
CA PHE A 180 -23.46 -22.21 -27.24
C PHE A 180 -22.90 -20.96 -27.94
N THR A 181 -21.77 -21.12 -28.62
CA THR A 181 -21.18 -20.02 -29.38
C THR A 181 -22.17 -19.54 -30.43
N GLN A 182 -22.72 -20.45 -31.24
CA GLN A 182 -23.69 -20.07 -32.26
C GLN A 182 -24.95 -19.45 -31.65
N TYR A 183 -25.37 -19.87 -30.45
CA TYR A 183 -26.72 -19.60 -29.98
C TYR A 183 -26.82 -18.45 -28.96
N MET A 184 -25.75 -18.13 -28.20
CA MET A 184 -25.88 -17.12 -27.16
C MET A 184 -26.41 -15.80 -27.75
N PRO A 185 -25.99 -15.31 -28.94
CA PRO A 185 -26.53 -14.07 -29.48
C PRO A 185 -28.06 -14.12 -29.66
N SER A 186 -28.60 -15.34 -29.79
CA SER A 186 -30.01 -15.56 -30.02
C SER A 186 -30.83 -15.20 -28.78
N PHE A 187 -30.17 -15.14 -27.62
CA PHE A 187 -30.86 -14.87 -26.37
C PHE A 187 -30.56 -13.45 -25.91
N ARG A 188 -30.19 -12.56 -26.85
CA ARG A 188 -29.98 -11.16 -26.53
C ARG A 188 -30.18 -10.29 -27.78
N VAL A 189 -31.26 -10.59 -28.49
CA VAL A 189 -31.76 -9.78 -29.59
C VAL A 189 -32.01 -8.36 -29.10
N THR A 190 -31.41 -7.39 -29.81
CA THR A 190 -31.57 -5.98 -29.50
C THR A 190 -33.05 -5.57 -29.45
N ASN A 191 -33.38 -4.75 -28.45
CA ASN A 191 -34.73 -4.31 -28.13
C ASN A 191 -35.50 -5.37 -27.33
N PHE A 192 -34.91 -6.55 -27.16
CA PHE A 192 -35.59 -7.63 -26.45
C PHE A 192 -34.65 -8.25 -25.41
N GLU A 193 -33.82 -7.44 -24.77
CA GLU A 193 -32.76 -7.98 -23.94
C GLU A 193 -33.33 -8.41 -22.57
N VAL A 194 -34.37 -7.71 -22.14
CA VAL A 194 -34.95 -7.92 -20.82
C VAL A 194 -35.89 -9.12 -20.87
N PRO A 195 -36.87 -9.19 -21.82
CA PRO A 195 -37.70 -10.38 -22.01
C PRO A 195 -36.96 -11.72 -21.99
N PHE A 196 -35.75 -11.71 -22.56
CA PHE A 196 -34.95 -12.91 -22.76
C PHE A 196 -34.02 -13.19 -21.57
N LEU A 197 -34.09 -12.35 -20.53
CA LEU A 197 -33.02 -12.28 -19.54
C LEU A 197 -32.91 -13.58 -18.71
N THR A 198 -34.05 -14.14 -18.31
CA THR A 198 -34.01 -15.36 -17.54
C THR A 198 -33.50 -16.52 -18.39
N VAL A 199 -33.90 -16.59 -19.67
CA VAL A 199 -33.35 -17.57 -20.60
C VAL A 199 -31.83 -17.39 -20.76
N TYR A 200 -31.37 -16.18 -21.10
CA TYR A 200 -29.96 -15.93 -21.31
C TYR A 200 -29.14 -16.39 -20.10
N THR A 201 -29.62 -16.03 -18.89
CA THR A 201 -28.94 -16.36 -17.65
C THR A 201 -28.88 -17.88 -17.45
N MET A 202 -29.98 -18.59 -17.70
CA MET A 202 -29.98 -20.03 -17.48
C MET A 202 -29.07 -20.70 -18.51
N ALA A 203 -29.10 -20.25 -19.76
CA ALA A 203 -28.21 -20.78 -20.79
C ALA A 203 -26.73 -20.50 -20.46
N ALA A 204 -26.45 -19.24 -20.09
CA ALA A 204 -25.09 -18.82 -19.78
C ALA A 204 -24.52 -19.65 -18.64
N ASN A 205 -25.37 -19.92 -17.63
CA ASN A 205 -25.02 -20.78 -16.50
C ASN A 205 -24.50 -22.12 -17.03
N LEU A 206 -25.27 -22.77 -17.90
CA LEU A 206 -24.87 -24.08 -18.39
C LEU A 206 -23.55 -24.02 -19.16
N HIS A 207 -23.31 -22.94 -19.92
CA HIS A 207 -22.10 -22.84 -20.73
C HIS A 207 -20.85 -22.77 -19.82
N LEU A 208 -20.91 -22.00 -18.74
CA LEU A 208 -19.78 -21.89 -17.83
C LEU A 208 -19.58 -23.22 -17.09
N LEU A 209 -20.68 -23.88 -16.79
CA LEU A 209 -20.65 -25.17 -16.11
C LEU A 209 -19.96 -26.21 -16.99
N LEU A 210 -20.15 -26.08 -18.32
CA LEU A 210 -19.60 -26.98 -19.31
C LEU A 210 -18.08 -26.82 -19.42
N LEU A 211 -17.61 -25.56 -19.51
CA LEU A 211 -16.19 -25.26 -19.61
C LEU A 211 -15.44 -25.59 -18.33
N ARG A 212 -16.15 -25.60 -17.18
CA ARG A 212 -15.55 -26.03 -15.93
C ARG A 212 -15.17 -27.50 -16.06
N ASP A 213 -16.01 -28.29 -16.76
CA ASP A 213 -15.75 -29.72 -16.96
C ASP A 213 -14.41 -29.93 -17.67
N ALA A 214 -14.04 -29.03 -18.57
CA ALA A 214 -12.80 -29.15 -19.33
C ALA A 214 -11.58 -29.04 -18.43
N SER A 215 -11.63 -28.16 -17.43
CA SER A 215 -10.45 -27.93 -16.62
C SER A 215 -10.35 -28.96 -15.49
N ILE A 216 -11.42 -29.69 -15.17
CA ILE A 216 -11.39 -30.71 -14.13
C ILE A 216 -11.12 -32.08 -14.74
N PHE A 217 -11.80 -32.41 -15.85
CA PHE A 217 -11.58 -33.66 -16.54
C PHE A 217 -10.69 -33.47 -17.78
N GLY A 218 -9.78 -32.49 -17.73
CA GLY A 218 -9.02 -32.08 -18.91
C GLY A 218 -8.02 -33.14 -19.33
N GLU A 219 -7.04 -33.40 -18.45
CA GLU A 219 -5.95 -34.33 -18.72
C GLU A 219 -6.49 -35.77 -18.80
N GLU A 220 -7.63 -36.02 -18.14
CA GLU A 220 -8.21 -37.36 -18.05
C GLU A 220 -8.95 -37.69 -19.35
N TRP A 221 -9.44 -36.64 -20.06
CA TRP A 221 -9.98 -36.79 -21.40
C TRP A 221 -8.90 -36.64 -22.47
N GLY A 222 -7.62 -36.72 -22.06
CA GLY A 222 -6.48 -36.65 -22.97
C GLY A 222 -6.48 -35.36 -23.78
N LEU A 223 -6.32 -34.23 -23.11
CA LEU A 223 -6.35 -32.92 -23.76
C LEU A 223 -5.06 -32.18 -23.41
N SER A 224 -4.48 -31.48 -24.41
CA SER A 224 -3.20 -30.83 -24.23
C SER A 224 -3.26 -29.81 -23.09
N THR A 225 -2.08 -29.51 -22.53
CA THR A 225 -1.95 -28.48 -21.52
C THR A 225 -2.36 -27.13 -22.10
N SER A 226 -2.03 -26.90 -23.38
CA SER A 226 -2.25 -25.62 -24.04
C SER A 226 -3.71 -25.44 -24.45
N THR A 227 -4.45 -26.55 -24.61
CA THR A 227 -5.84 -26.52 -25.04
C THR A 227 -6.74 -26.17 -23.85
N ILE A 228 -6.38 -26.71 -22.66
CA ILE A 228 -7.05 -26.37 -21.41
C ILE A 228 -6.97 -24.85 -21.21
N ASN A 229 -5.77 -24.29 -21.38
CA ASN A 229 -5.53 -22.87 -21.10
C ASN A 229 -6.48 -22.01 -21.93
N ASN A 230 -6.70 -22.39 -23.20
CA ASN A 230 -7.62 -21.67 -24.09
C ASN A 230 -9.07 -21.86 -23.67
N TYR A 231 -9.41 -23.03 -23.11
CA TYR A 231 -10.73 -23.22 -22.54
C TYR A 231 -10.84 -22.38 -21.27
N TYR A 232 -9.80 -22.39 -20.43
CA TYR A 232 -9.86 -21.73 -19.14
C TYR A 232 -9.96 -20.22 -19.36
N ASN A 233 -9.15 -19.70 -20.28
CA ASN A 233 -9.06 -18.26 -20.49
C ASN A 233 -10.41 -17.74 -20.97
N ARG A 234 -11.04 -18.50 -21.87
CA ARG A 234 -12.37 -18.17 -22.37
C ARG A 234 -13.41 -18.22 -21.25
N GLN A 235 -13.36 -19.26 -20.42
CA GLN A 235 -14.26 -19.38 -19.27
C GLN A 235 -14.23 -18.05 -18.50
N MET A 236 -13.02 -17.57 -18.23
CA MET A 236 -12.86 -16.37 -17.42
C MET A 236 -13.38 -15.13 -18.16
N LYS A 237 -13.07 -15.03 -19.47
CA LYS A 237 -13.59 -13.97 -20.32
C LYS A 237 -15.11 -13.98 -20.32
N LEU A 238 -15.71 -15.16 -20.54
CA LEU A 238 -17.16 -15.28 -20.62
C LEU A 238 -17.81 -14.99 -19.26
N THR A 239 -17.16 -15.40 -18.18
CA THR A 239 -17.75 -15.23 -16.85
C THR A 239 -17.99 -13.74 -16.58
N ALA A 240 -17.11 -12.88 -17.10
CA ALA A 240 -17.27 -11.44 -17.01
C ALA A 240 -18.37 -10.94 -17.95
N GLU A 241 -18.28 -11.33 -19.23
CA GLU A 241 -19.22 -10.87 -20.25
C GLU A 241 -20.66 -11.26 -19.89
N TYR A 242 -20.87 -12.51 -19.42
CA TYR A 242 -22.21 -12.98 -19.09
C TYR A 242 -22.74 -12.38 -17.78
N SER A 243 -21.84 -12.09 -16.83
CA SER A 243 -22.22 -11.45 -15.59
C SER A 243 -22.62 -10.02 -15.87
N ASP A 244 -21.74 -9.29 -16.56
CA ASP A 244 -21.93 -7.87 -16.82
C ASP A 244 -23.23 -7.67 -17.58
N HIS A 245 -23.53 -8.55 -18.54
CA HIS A 245 -24.76 -8.47 -19.30
C HIS A 245 -26.00 -8.62 -18.41
N CYS A 246 -26.01 -9.63 -17.52
CA CYS A 246 -27.19 -9.93 -16.73
C CYS A 246 -27.48 -8.79 -15.75
N VAL A 247 -26.43 -8.25 -15.13
CA VAL A 247 -26.59 -7.16 -14.18
C VAL A 247 -27.12 -5.92 -14.90
N LYS A 248 -26.52 -5.60 -16.04
CA LYS A 248 -26.84 -4.40 -16.78
C LYS A 248 -28.31 -4.43 -17.20
N TRP A 249 -28.81 -5.57 -17.68
CA TRP A 249 -30.18 -5.58 -18.16
C TRP A 249 -31.18 -5.83 -17.03
N TYR A 250 -30.74 -6.36 -15.89
CA TYR A 250 -31.55 -6.36 -14.68
C TYR A 250 -31.89 -4.91 -14.29
N GLU A 251 -30.86 -4.07 -14.19
CA GLU A 251 -31.01 -2.67 -13.79
C GLU A 251 -31.91 -1.89 -14.77
N THR A 252 -31.67 -2.06 -16.08
CA THR A 252 -32.48 -1.38 -17.08
C THR A 252 -33.94 -1.81 -16.91
N GLY A 253 -34.13 -3.12 -16.85
CA GLY A 253 -35.45 -3.70 -16.70
C GLY A 253 -36.19 -3.05 -15.54
N LEU A 254 -35.50 -2.98 -14.40
CA LEU A 254 -36.06 -2.49 -13.15
C LEU A 254 -36.35 -1.00 -13.23
N ALA A 255 -35.44 -0.25 -13.85
CA ALA A 255 -35.58 1.19 -13.98
C ALA A 255 -36.78 1.59 -14.84
N LYS A 256 -37.21 0.72 -15.77
CA LYS A 256 -38.37 0.92 -16.64
C LYS A 256 -39.72 0.83 -15.92
N LEU A 257 -39.71 0.22 -14.74
CA LEU A 257 -40.93 -0.04 -13.97
C LEU A 257 -41.07 0.96 -12.83
N LYS A 258 -40.17 1.96 -12.74
CA LYS A 258 -40.35 3.05 -11.79
C LYS A 258 -41.60 3.83 -12.17
N GLY A 259 -42.46 4.12 -11.18
CA GLY A 259 -43.60 4.99 -11.40
C GLY A 259 -43.84 5.87 -10.18
N SER A 260 -45.10 6.28 -10.00
CA SER A 260 -45.45 7.16 -8.90
C SER A 260 -46.55 6.56 -8.02
N SER A 261 -47.22 5.49 -8.48
CA SER A 261 -48.33 4.89 -7.74
C SER A 261 -47.90 3.61 -6.99
N ALA A 262 -48.68 3.27 -5.95
CA ALA A 262 -48.52 2.07 -5.16
C ALA A 262 -48.69 0.83 -6.03
N LYS A 263 -49.68 0.88 -6.93
CA LYS A 263 -49.89 -0.19 -7.90
C LYS A 263 -48.60 -0.43 -8.68
N GLN A 264 -47.95 0.64 -9.16
CA GLN A 264 -46.72 0.53 -9.94
C GLN A 264 -45.56 0.02 -9.07
N TRP A 265 -45.58 0.30 -7.77
CA TRP A 265 -44.56 -0.19 -6.86
C TRP A 265 -44.62 -1.71 -6.73
N ILE A 266 -45.83 -2.28 -6.59
CA ILE A 266 -45.99 -3.72 -6.44
C ILE A 266 -45.28 -4.44 -7.59
N ASP A 267 -45.56 -4.00 -8.84
CA ASP A 267 -44.94 -4.52 -10.06
C ASP A 267 -43.42 -4.37 -10.04
N TYR A 268 -42.94 -3.18 -9.62
CA TYR A 268 -41.51 -2.95 -9.47
C TYR A 268 -40.88 -3.99 -8.54
N ASN A 269 -41.46 -4.15 -7.33
CA ASN A 269 -40.82 -4.97 -6.32
C ASN A 269 -40.93 -6.46 -6.69
N GLN A 270 -41.96 -6.78 -7.49
CA GLN A 270 -42.17 -8.14 -7.96
C GLN A 270 -41.06 -8.53 -8.94
N PHE A 271 -40.72 -7.62 -9.86
CA PHE A 271 -39.57 -7.78 -10.74
C PHE A 271 -38.28 -7.95 -9.92
N ARG A 272 -38.14 -7.12 -8.87
CA ARG A 272 -36.94 -7.12 -8.05
C ARG A 272 -36.82 -8.46 -7.35
N ARG A 273 -37.93 -8.95 -6.79
CA ARG A 273 -37.87 -10.21 -6.09
C ARG A 273 -37.59 -11.34 -7.09
N GLU A 274 -38.50 -11.50 -8.07
CA GLU A 274 -38.46 -12.64 -8.98
C GLU A 274 -37.16 -12.70 -9.77
N MET A 275 -36.61 -11.54 -10.18
CA MET A 275 -35.44 -11.54 -11.03
C MET A 275 -34.17 -11.71 -10.18
N THR A 276 -34.27 -11.46 -8.88
CA THR A 276 -33.19 -11.80 -7.98
C THR A 276 -33.04 -13.31 -7.88
N LEU A 277 -34.17 -14.00 -7.71
CA LEU A 277 -34.20 -15.44 -7.53
C LEU A 277 -33.77 -16.14 -8.81
N THR A 278 -34.18 -15.54 -9.92
CA THR A 278 -34.18 -16.20 -11.21
C THR A 278 -32.92 -15.79 -11.99
N VAL A 279 -32.30 -14.64 -11.66
CA VAL A 279 -31.13 -14.15 -12.41
C VAL A 279 -29.94 -13.91 -11.49
N LEU A 280 -30.06 -12.95 -10.56
CA LEU A 280 -28.91 -12.51 -9.77
C LEU A 280 -28.35 -13.61 -8.88
N ASP A 281 -29.23 -14.49 -8.34
CA ASP A 281 -28.79 -15.58 -7.47
C ASP A 281 -27.94 -16.56 -8.26
N VAL A 282 -28.24 -16.73 -9.55
CA VAL A 282 -27.43 -17.55 -10.42
C VAL A 282 -26.10 -16.85 -10.76
N VAL A 283 -26.16 -15.56 -11.10
CA VAL A 283 -24.98 -14.78 -11.42
C VAL A 283 -23.98 -14.79 -10.27
N ALA A 284 -24.48 -14.69 -9.04
CA ALA A 284 -23.67 -14.74 -7.83
C ALA A 284 -22.74 -15.96 -7.77
N LEU A 285 -23.14 -17.09 -8.37
CA LEU A 285 -22.40 -18.34 -8.30
C LEU A 285 -21.25 -18.41 -9.30
N PHE A 286 -21.25 -17.56 -10.33
CA PHE A 286 -20.39 -17.78 -11.50
C PHE A 286 -18.90 -17.83 -11.12
N SER A 287 -18.44 -17.03 -10.16
CA SER A 287 -17.02 -16.96 -9.86
C SER A 287 -16.55 -18.23 -9.17
N ASN A 288 -17.49 -19.05 -8.65
CA ASN A 288 -17.14 -20.28 -7.97
C ASN A 288 -16.91 -21.45 -8.93
N TYR A 289 -17.16 -21.24 -10.23
CA TYR A 289 -16.93 -22.28 -11.19
C TYR A 289 -15.47 -22.25 -11.63
N ASP A 290 -14.69 -21.31 -11.10
CA ASP A 290 -13.26 -21.22 -11.41
C ASP A 290 -12.52 -22.28 -10.62
N THR A 291 -12.06 -23.35 -11.28
CA THR A 291 -11.59 -24.52 -10.56
C THR A 291 -10.14 -24.36 -10.07
N ARG A 292 -9.43 -23.36 -10.60
CA ARG A 292 -8.07 -23.08 -10.14
C ARG A 292 -8.08 -22.18 -8.91
N THR A 293 -9.10 -21.33 -8.79
CA THR A 293 -9.27 -20.52 -7.60
C THR A 293 -9.95 -21.37 -6.52
N TYR A 294 -10.86 -22.27 -6.93
CA TYR A 294 -11.58 -23.09 -5.99
C TYR A 294 -11.36 -24.57 -6.33
N PRO A 295 -10.24 -25.19 -5.90
CA PRO A 295 -9.93 -26.58 -6.26
C PRO A 295 -10.60 -27.69 -5.44
N LEU A 296 -11.42 -27.31 -4.45
CA LEU A 296 -12.18 -28.29 -3.70
C LEU A 296 -13.51 -27.70 -3.27
N ALA A 297 -14.27 -28.47 -2.49
CA ALA A 297 -15.61 -28.09 -2.06
C ALA A 297 -15.58 -26.68 -1.45
N THR A 298 -16.58 -25.87 -1.82
CA THR A 298 -16.71 -24.50 -1.35
C THR A 298 -18.15 -24.27 -0.92
N THR A 299 -18.32 -23.48 0.15
CA THR A 299 -19.64 -23.05 0.59
C THR A 299 -19.77 -21.57 0.31
N ALA A 300 -20.81 -21.22 -0.44
CA ALA A 300 -21.11 -19.83 -0.74
C ALA A 300 -22.31 -19.41 0.08
N GLN A 301 -22.43 -18.09 0.30
CA GLN A 301 -23.55 -17.57 1.06
C GLN A 301 -24.19 -16.38 0.35
N LEU A 302 -25.50 -16.49 0.09
CA LEU A 302 -26.34 -15.41 -0.40
C LEU A 302 -26.95 -14.65 0.79
N THR A 303 -26.52 -13.38 0.93
CA THR A 303 -26.84 -12.54 2.07
C THR A 303 -27.87 -11.46 1.70
N ARG A 304 -28.29 -11.38 0.44
CA ARG A 304 -29.30 -10.38 0.09
C ARG A 304 -30.64 -10.73 0.76
N GLU A 305 -31.44 -9.69 1.02
CA GLU A 305 -32.81 -9.86 1.47
C GLU A 305 -33.74 -9.74 0.27
N VAL A 306 -34.88 -10.43 0.31
CA VAL A 306 -35.92 -10.27 -0.70
C VAL A 306 -37.22 -10.02 0.05
N TYR A 307 -38.18 -9.44 -0.68
CA TYR A 307 -39.37 -8.89 -0.08
C TYR A 307 -40.54 -9.52 -0.79
N THR A 308 -41.39 -10.21 -0.02
CA THR A 308 -42.65 -10.71 -0.54
C THR A 308 -43.60 -9.54 -0.72
N ASP A 309 -44.60 -9.71 -1.60
CA ASP A 309 -45.66 -8.73 -1.81
C ASP A 309 -46.32 -8.30 -0.50
N PRO A 310 -46.65 -6.99 -0.35
CA PRO A 310 -47.27 -6.46 0.87
C PRO A 310 -48.55 -7.18 1.27
N LEU A 311 -48.78 -7.30 2.58
CA LEU A 311 -49.90 -8.08 3.07
C LEU A 311 -51.17 -7.22 3.09
N GLY A 312 -51.71 -7.00 1.90
CA GLY A 312 -53.00 -6.37 1.74
C GLY A 312 -53.76 -7.03 0.61
N ALA A 313 -55.09 -6.90 0.68
CA ALA A 313 -55.97 -7.51 -0.30
C ALA A 313 -55.87 -6.78 -1.64
N VAL A 314 -55.85 -7.55 -2.73
CA VAL A 314 -55.85 -6.96 -4.07
C VAL A 314 -56.94 -7.61 -4.91
N ASP A 315 -57.63 -6.78 -5.71
CA ASP A 315 -58.62 -7.22 -6.68
C ASP A 315 -59.76 -7.98 -6.00
N VAL A 316 -60.21 -7.51 -4.83
CA VAL A 316 -61.45 -8.00 -4.24
C VAL A 316 -62.60 -7.61 -5.17
N PRO A 317 -63.39 -8.58 -5.69
CA PRO A 317 -64.43 -8.27 -6.69
C PRO A 317 -65.43 -7.24 -6.14
N ASN A 318 -65.61 -6.15 -6.90
CA ASN A 318 -66.59 -5.12 -6.55
C ASN A 318 -66.08 -4.22 -5.41
N ILE A 319 -64.83 -4.38 -4.95
CA ILE A 319 -64.38 -3.56 -3.83
C ILE A 319 -63.07 -2.84 -4.16
N GLY A 320 -62.10 -3.56 -4.75
CA GLY A 320 -60.86 -2.96 -5.18
C GLY A 320 -59.67 -3.57 -4.44
N SER A 321 -58.70 -2.71 -4.10
CA SER A 321 -57.39 -3.10 -3.61
C SER A 321 -56.88 -2.10 -2.58
N TRP A 322 -56.00 -2.55 -1.67
CA TRP A 322 -55.42 -1.71 -0.63
C TRP A 322 -54.69 -0.50 -1.22
N TYR A 323 -54.21 -0.64 -2.46
CA TYR A 323 -53.35 0.35 -3.11
C TYR A 323 -54.14 1.36 -3.93
N ASP A 324 -55.47 1.22 -3.97
CA ASP A 324 -56.31 2.17 -4.68
C ASP A 324 -56.15 3.54 -4.03
N LYS A 325 -56.16 3.54 -2.69
CA LYS A 325 -55.99 4.77 -1.94
C LYS A 325 -54.87 4.53 -0.93
N ALA A 326 -53.65 4.97 -1.29
CA ALA A 326 -52.44 4.62 -0.56
C ALA A 326 -51.33 5.62 -0.85
N PRO A 327 -50.18 5.54 -0.14
CA PRO A 327 -49.03 6.40 -0.42
C PRO A 327 -48.44 6.21 -1.82
N SER A 328 -47.56 7.15 -2.21
CA SER A 328 -46.84 7.10 -3.49
C SER A 328 -45.76 6.02 -3.48
N PHE A 329 -45.19 5.77 -4.67
CA PHE A 329 -44.10 4.84 -4.89
C PHE A 329 -42.92 5.17 -3.97
N SER A 330 -42.52 6.44 -3.95
CA SER A 330 -41.35 6.86 -3.19
C SER A 330 -41.53 6.61 -1.68
N GLU A 331 -42.72 6.94 -1.17
CA GLU A 331 -43.02 6.81 0.25
C GLU A 331 -42.97 5.34 0.62
N ILE A 332 -43.46 4.45 -0.28
CA ILE A 332 -43.49 3.02 0.00
C ILE A 332 -42.07 2.45 0.00
N GLU A 333 -41.27 2.80 -1.02
CA GLU A 333 -39.87 2.37 -1.12
C GLU A 333 -39.08 2.80 0.12
N LYS A 334 -39.31 4.02 0.62
CA LYS A 334 -38.72 4.50 1.85
C LYS A 334 -39.16 3.61 3.02
N ALA A 335 -40.45 3.27 3.06
CA ALA A 335 -41.01 2.67 4.26
C ALA A 335 -40.72 1.17 4.35
N ALA A 336 -40.88 0.48 3.22
CA ALA A 336 -40.93 -0.97 3.18
C ALA A 336 -39.54 -1.61 3.06
N ILE A 337 -38.60 -0.90 2.41
CA ILE A 337 -37.30 -1.45 2.07
C ILE A 337 -36.24 -0.87 3.00
N ARG A 338 -35.42 -1.75 3.59
CA ARG A 338 -34.37 -1.34 4.51
C ARG A 338 -33.15 -0.89 3.72
N PRO A 339 -32.48 0.22 4.14
CA PRO A 339 -31.18 0.58 3.60
C PRO A 339 -30.17 -0.53 3.95
N PRO A 340 -29.03 -0.60 3.24
CA PRO A 340 -28.05 -1.67 3.47
C PRO A 340 -27.59 -1.67 4.92
N HIS A 341 -27.49 -2.90 5.47
CA HIS A 341 -27.15 -3.11 6.86
C HIS A 341 -26.35 -4.40 7.01
N GLU A 342 -25.72 -4.56 8.18
CA GLU A 342 -25.08 -5.81 8.54
C GLU A 342 -26.18 -6.88 8.58
N PHE A 343 -25.77 -8.10 8.21
CA PHE A 343 -26.65 -9.25 8.19
C PHE A 343 -27.25 -9.41 9.58
N ASP A 344 -28.53 -9.75 9.63
CA ASP A 344 -29.20 -9.89 10.91
C ASP A 344 -30.30 -10.94 10.80
N TYR A 345 -30.88 -11.24 11.98
CA TYR A 345 -31.96 -12.20 12.12
C TYR A 345 -32.87 -11.73 13.25
N ILE A 346 -34.12 -12.19 13.18
CA ILE A 346 -35.20 -11.75 14.06
C ILE A 346 -35.16 -12.61 15.32
N THR A 347 -35.41 -11.98 16.50
CA THR A 347 -35.46 -12.69 17.76
C THR A 347 -36.81 -12.51 18.45
N GLY A 348 -37.51 -11.40 18.19
CA GLY A 348 -38.72 -11.10 18.94
C GLY A 348 -39.60 -10.10 18.20
N LEU A 349 -40.89 -10.09 18.56
CA LEU A 349 -41.86 -9.21 17.91
C LEU A 349 -42.98 -8.86 18.89
N THR A 350 -43.36 -7.57 18.94
CA THR A 350 -44.54 -7.11 19.68
C THR A 350 -45.50 -6.43 18.70
N VAL A 351 -46.71 -6.98 18.55
CA VAL A 351 -47.65 -6.48 17.55
C VAL A 351 -48.69 -5.63 18.26
N TYR A 352 -48.94 -4.42 17.73
CA TYR A 352 -49.94 -3.50 18.28
C TYR A 352 -51.26 -3.69 17.52
N THR A 353 -52.38 -3.85 18.23
CA THR A 353 -53.64 -4.16 17.58
C THR A 353 -54.63 -3.02 17.78
N LYS A 354 -55.31 -2.62 16.70
CA LYS A 354 -56.42 -1.67 16.80
C LYS A 354 -57.68 -2.31 16.24
N LYS A 355 -58.81 -1.61 16.43
CA LYS A 355 -60.13 -2.08 16.02
C LYS A 355 -60.81 -1.09 15.09
N ARG A 356 -61.39 -1.59 13.99
CA ARG A 356 -62.19 -0.79 13.09
C ARG A 356 -63.63 -1.31 13.11
N SER A 357 -64.57 -0.39 13.32
CA SER A 357 -65.97 -0.75 13.48
C SER A 357 -66.84 0.42 13.00
N PHE A 358 -67.59 0.24 11.89
CA PHE A 358 -68.49 1.27 11.41
C PHE A 358 -69.84 1.12 12.11
N THR A 359 -70.18 -0.10 12.53
CA THR A 359 -71.34 -0.42 13.36
C THR A 359 -70.91 -1.58 14.24
N SER A 360 -71.77 -2.04 15.16
CA SER A 360 -71.49 -3.31 15.82
C SER A 360 -71.95 -4.43 14.89
N ASP A 361 -71.74 -5.69 15.30
CA ASP A 361 -72.09 -6.86 14.50
C ASP A 361 -71.09 -7.05 13.36
N ARG A 362 -70.06 -6.21 13.29
CA ARG A 362 -69.15 -6.22 12.15
C ARG A 362 -67.97 -5.30 12.45
N TYR A 363 -66.79 -5.92 12.62
CA TYR A 363 -65.58 -5.20 12.98
C TYR A 363 -64.35 -6.03 12.64
N MET A 364 -63.20 -5.33 12.53
CA MET A 364 -61.93 -5.98 12.30
C MET A 364 -60.97 -5.56 13.41
N ARG A 365 -60.21 -6.53 13.94
CA ARG A 365 -59.04 -6.20 14.73
C ARG A 365 -57.81 -6.44 13.86
N TYR A 366 -56.86 -5.50 13.88
CA TYR A 366 -55.83 -5.52 12.86
C TYR A 366 -54.47 -5.02 13.37
N TRP A 367 -53.43 -5.49 12.68
CA TRP A 367 -52.05 -5.14 12.92
C TRP A 367 -51.82 -3.68 12.53
N ALA A 368 -51.78 -2.79 13.53
CA ALA A 368 -51.65 -1.36 13.33
C ALA A 368 -50.20 -0.89 13.40
N GLY A 369 -49.30 -1.78 13.85
CA GLY A 369 -47.92 -1.44 14.07
C GLY A 369 -47.22 -2.57 14.82
N HIS A 370 -45.92 -2.35 15.13
CA HIS A 370 -45.09 -3.35 15.77
C HIS A 370 -43.72 -2.81 16.17
N GLN A 371 -43.13 -3.45 17.18
CA GLN A 371 -41.71 -3.34 17.47
C GLN A 371 -41.09 -4.70 17.21
N ILE A 372 -39.96 -4.67 16.51
CA ILE A 372 -39.28 -5.90 16.14
C ILE A 372 -37.88 -5.86 16.75
N SER A 373 -37.48 -6.99 17.36
CA SER A 373 -36.15 -7.16 17.93
C SER A 373 -35.31 -8.08 17.07
N TYR A 374 -34.02 -7.74 16.93
CA TYR A 374 -33.13 -8.42 16.00
C TYR A 374 -31.67 -8.23 16.39
N LYS A 375 -30.79 -8.97 15.70
CA LYS A 375 -29.39 -8.88 16.06
C LYS A 375 -28.47 -9.34 14.94
N THR A 376 -27.22 -8.89 15.05
CA THR A 376 -26.16 -9.31 14.15
C THR A 376 -25.56 -10.59 14.68
N ILE A 377 -24.73 -11.22 13.86
CA ILE A 377 -24.08 -12.46 14.23
C ILE A 377 -23.21 -12.25 15.45
N GLY A 378 -23.29 -13.15 16.44
CA GLY A 378 -22.31 -13.23 17.53
C GLY A 378 -22.71 -12.41 18.75
N THR A 379 -22.24 -11.15 18.82
CA THR A 379 -22.72 -10.05 19.68
C THR A 379 -24.05 -10.36 20.34
N SER A 380 -24.16 -10.01 21.62
CA SER A 380 -25.41 -10.13 22.34
C SER A 380 -26.05 -8.75 22.55
N SER A 381 -25.82 -7.84 21.59
CA SER A 381 -26.52 -6.56 21.59
C SER A 381 -27.83 -6.75 20.84
N THR A 382 -28.92 -6.32 21.48
CA THR A 382 -30.23 -6.38 20.83
C THR A 382 -30.59 -5.02 20.26
N PHE A 383 -31.20 -5.07 19.07
CA PHE A 383 -31.67 -3.90 18.35
C PHE A 383 -33.19 -3.94 18.27
N THR A 384 -33.81 -2.77 18.37
CA THR A 384 -35.26 -2.67 18.22
C THR A 384 -35.58 -1.51 17.27
N GLN A 385 -36.59 -1.74 16.42
CA GLN A 385 -37.19 -0.70 15.60
C GLN A 385 -38.69 -0.75 15.76
N MET A 386 -39.31 0.42 15.62
CA MET A 386 -40.75 0.54 15.73
C MET A 386 -41.29 0.95 14.37
N TYR A 387 -42.49 0.45 14.07
CA TYR A 387 -43.17 0.64 12.81
C TYR A 387 -44.67 0.84 13.05
N GLY A 388 -45.29 1.67 12.19
CA GLY A 388 -46.72 1.92 12.28
C GLY A 388 -47.02 2.80 13.48
N THR A 389 -48.15 2.51 14.17
CA THR A 389 -48.60 3.33 15.28
C THR A 389 -48.83 2.41 16.46
N ASN A 390 -48.72 2.98 17.66
CA ASN A 390 -49.04 2.29 18.91
C ASN A 390 -49.96 3.18 19.73
N GLN A 391 -50.82 3.95 19.05
CA GLN A 391 -51.77 4.83 19.71
C GLN A 391 -53.18 4.27 19.64
N ASN A 392 -53.91 4.36 20.76
CA ASN A 392 -55.32 3.99 20.86
C ASN A 392 -55.50 2.50 20.55
N LEU A 393 -54.79 1.67 21.34
CA LEU A 393 -54.77 0.23 21.12
C LEU A 393 -55.89 -0.44 21.92
N GLN A 394 -56.37 -1.57 21.39
CA GLN A 394 -57.15 -2.57 22.10
C GLN A 394 -56.26 -3.51 22.90
N SER A 395 -55.12 -3.89 22.31
CA SER A 395 -54.32 -4.97 22.84
C SER A 395 -52.94 -5.02 22.17
N THR A 396 -52.15 -5.96 22.68
CA THR A 396 -50.77 -6.16 22.31
C THR A 396 -50.51 -7.66 22.31
N SER A 397 -49.73 -8.16 21.34
CA SER A 397 -49.34 -9.55 21.33
C SER A 397 -47.81 -9.65 21.23
N ASN A 398 -47.19 -10.50 22.05
CA ASN A 398 -45.74 -10.67 21.99
C ASN A 398 -45.39 -12.06 21.47
N PHE A 399 -44.32 -12.15 20.69
CA PHE A 399 -43.83 -13.42 20.18
C PHE A 399 -42.31 -13.50 20.39
N ASP A 400 -41.82 -14.62 20.92
CA ASP A 400 -40.39 -14.89 21.05
C ASP A 400 -39.97 -15.87 19.96
N PHE A 401 -38.91 -15.54 19.21
CA PHE A 401 -38.50 -16.34 18.08
C PHE A 401 -37.09 -16.89 18.27
N THR A 402 -36.50 -16.72 19.47
CA THR A 402 -35.10 -17.05 19.64
C THR A 402 -34.93 -18.56 19.45
N ASN A 403 -33.96 -18.94 18.61
CA ASN A 403 -33.54 -20.31 18.37
C ASN A 403 -34.39 -20.98 17.30
N TYR A 404 -35.27 -20.22 16.64
CA TYR A 404 -36.20 -20.74 15.65
C TYR A 404 -36.05 -19.97 14.35
N ASP A 405 -36.09 -20.69 13.22
CA ASP A 405 -36.30 -20.11 11.90
C ASP A 405 -37.79 -20.16 11.55
N ILE A 406 -38.29 -19.05 10.97
CA ILE A 406 -39.64 -18.97 10.44
C ILE A 406 -39.56 -19.31 8.95
N TYR A 407 -40.03 -20.51 8.57
CA TYR A 407 -39.78 -21.00 7.21
C TYR A 407 -41.01 -20.78 6.32
N LYS A 408 -42.11 -20.32 6.91
CA LYS A 408 -43.39 -20.18 6.21
C LYS A 408 -44.35 -19.31 7.01
N THR A 409 -45.08 -18.43 6.30
CA THR A 409 -46.16 -17.66 6.91
C THR A 409 -47.45 -17.93 6.13
N LEU A 410 -48.57 -18.02 6.88
CA LEU A 410 -49.94 -17.98 6.37
C LEU A 410 -50.61 -16.71 6.86
N SER A 411 -50.85 -15.75 5.96
CA SER A 411 -51.45 -14.48 6.35
C SER A 411 -52.86 -14.39 5.79
N ASN A 412 -53.62 -13.43 6.33
CA ASN A 412 -54.99 -13.13 5.91
C ASN A 412 -55.03 -11.69 5.39
N ASP A 413 -55.35 -11.55 4.09
CA ASP A 413 -55.60 -10.26 3.47
C ASP A 413 -57.09 -9.94 3.55
N ALA A 414 -57.45 -8.89 4.27
CA ALA A 414 -58.84 -8.79 4.73
C ALA A 414 -59.47 -7.46 4.33
N VAL A 415 -60.80 -7.47 4.18
CA VAL A 415 -61.56 -6.24 3.98
C VAL A 415 -62.77 -6.21 4.90
N LEU A 416 -63.02 -5.05 5.50
CA LEU A 416 -64.24 -4.78 6.23
C LEU A 416 -65.14 -3.92 5.36
N LEU A 417 -66.29 -4.46 4.98
CA LEU A 417 -67.24 -3.73 4.16
C LEU A 417 -68.47 -3.46 5.01
N ASP A 418 -68.92 -2.20 5.03
CA ASP A 418 -70.16 -1.90 5.70
C ASP A 418 -70.90 -0.78 4.96
N ILE A 419 -72.22 -0.80 5.10
CA ILE A 419 -73.12 0.14 4.46
C ILE A 419 -73.91 0.83 5.55
N VAL A 420 -73.66 2.12 5.72
CA VAL A 420 -74.30 2.95 6.72
C VAL A 420 -75.41 3.75 6.05
N TYR A 421 -76.45 4.11 6.83
CA TYR A 421 -77.53 4.98 6.40
C TYR A 421 -76.91 6.30 5.94
N PRO A 422 -77.45 6.97 4.88
CA PRO A 422 -78.52 6.42 4.04
C PRO A 422 -78.15 5.68 2.75
N GLY A 423 -77.03 4.96 2.74
CA GLY A 423 -76.66 4.11 1.63
C GLY A 423 -75.24 4.34 1.13
N TYR A 424 -74.33 4.75 2.02
CA TYR A 424 -72.95 4.91 1.64
C TYR A 424 -72.25 3.59 1.90
N THR A 425 -71.15 3.36 1.19
CA THR A 425 -70.37 2.16 1.34
C THR A 425 -69.02 2.60 1.87
N TYR A 426 -68.54 1.93 2.93
CA TYR A 426 -67.21 2.17 3.44
C TYR A 426 -66.41 0.86 3.43
N THR A 427 -65.14 0.96 3.02
CA THR A 427 -64.28 -0.21 2.99
C THR A 427 -63.08 0.05 3.89
N PHE A 428 -62.52 -1.03 4.46
CA PHE A 428 -61.30 -0.89 5.23
C PHE A 428 -60.44 -2.13 5.01
N PHE A 429 -59.16 -1.89 4.72
CA PHE A 429 -58.20 -2.93 4.46
C PHE A 429 -57.27 -3.03 5.66
N GLY A 430 -57.17 -4.24 6.20
CA GLY A 430 -56.17 -4.56 7.20
C GLY A 430 -55.83 -6.04 7.19
N MET A 431 -54.87 -6.38 8.06
CA MET A 431 -54.26 -7.70 8.17
C MET A 431 -54.58 -8.21 9.56
N PRO A 432 -55.58 -9.10 9.71
CA PRO A 432 -56.06 -9.50 11.03
C PRO A 432 -55.58 -10.84 11.58
N GLU A 433 -54.71 -11.54 10.83
CA GLU A 433 -54.29 -12.87 11.22
C GLU A 433 -53.01 -13.26 10.47
N THR A 434 -52.05 -13.84 11.19
CA THR A 434 -50.90 -14.52 10.61
C THR A 434 -50.58 -15.76 11.47
N GLU A 435 -50.22 -16.83 10.78
CA GLU A 435 -49.59 -17.96 11.43
C GLU A 435 -48.13 -18.03 11.03
N PHE A 436 -47.23 -18.15 12.02
CA PHE A 436 -45.82 -18.27 11.74
C PHE A 436 -45.40 -19.70 12.04
N PHE A 437 -44.83 -20.36 11.03
CA PHE A 437 -44.38 -21.74 11.11
C PHE A 437 -42.87 -21.74 11.33
N MET A 438 -42.46 -22.51 12.36
CA MET A 438 -41.16 -22.35 12.97
C MET A 438 -40.49 -23.70 13.11
N VAL A 439 -39.21 -23.77 12.78
CA VAL A 439 -38.41 -24.96 13.03
C VAL A 439 -37.24 -24.54 13.90
N ASN A 440 -36.97 -25.35 14.95
CA ASN A 440 -35.90 -25.09 15.89
C ASN A 440 -34.55 -25.37 15.21
N GLN A 441 -33.62 -24.44 15.44
CA GLN A 441 -32.33 -24.41 14.79
C GLN A 441 -31.46 -25.53 15.35
N LEU A 442 -31.68 -25.85 16.64
CA LEU A 442 -30.77 -26.65 17.44
C LEU A 442 -31.19 -28.12 17.47
N ASN A 443 -32.49 -28.40 17.68
CA ASN A 443 -32.99 -29.76 17.89
C ASN A 443 -34.07 -30.16 16.89
N ASN A 444 -34.36 -29.28 15.91
CA ASN A 444 -35.20 -29.61 14.76
C ASN A 444 -36.68 -29.81 15.15
N THR A 445 -37.07 -29.38 16.35
CA THR A 445 -38.45 -29.32 16.78
C THR A 445 -39.22 -28.22 16.03
N ARG A 446 -40.52 -28.49 15.81
CA ARG A 446 -41.43 -27.62 15.09
C ARG A 446 -42.54 -27.13 15.99
N LYS A 447 -43.08 -25.97 15.64
CA LYS A 447 -43.94 -25.20 16.51
C LYS A 447 -44.62 -24.13 15.66
N THR A 448 -45.81 -23.72 16.09
CA THR A 448 -46.58 -22.68 15.43
C THR A 448 -46.89 -21.56 16.43
N LEU A 449 -46.74 -20.30 16.02
CA LEU A 449 -47.34 -19.19 16.73
C LEU A 449 -48.32 -18.42 15.84
N THR A 450 -49.39 -17.89 16.45
CA THR A 450 -50.50 -17.30 15.72
C THR A 450 -50.84 -15.93 16.29
N TYR A 451 -50.96 -14.92 15.40
CA TYR A 451 -51.61 -13.65 15.70
C TYR A 451 -53.04 -13.68 15.15
N LYS A 452 -54.05 -13.70 16.03
CA LYS A 452 -55.46 -13.81 15.63
C LYS A 452 -56.34 -13.18 16.71
N PRO A 453 -56.40 -11.83 16.79
CA PRO A 453 -57.37 -11.15 17.66
C PRO A 453 -58.76 -11.37 17.07
N ALA A 454 -59.79 -11.06 17.85
CA ALA A 454 -61.17 -11.32 17.46
C ALA A 454 -61.67 -10.34 16.40
N SER A 455 -62.08 -10.88 15.24
CA SER A 455 -62.80 -10.11 14.23
C SER A 455 -64.17 -10.75 13.99
N LYS A 456 -65.04 -10.07 13.23
CA LYS A 456 -66.37 -10.56 12.95
C LYS A 456 -66.87 -10.08 11.59
N ASP A 457 -67.19 -11.04 10.72
CA ASP A 457 -67.87 -10.78 9.47
C ASP A 457 -66.99 -9.96 8.54
N ILE A 458 -65.78 -10.46 8.29
CA ILE A 458 -64.91 -9.84 7.32
C ILE A 458 -64.81 -10.71 6.07
N ILE A 459 -64.29 -10.12 4.99
CA ILE A 459 -63.97 -10.82 3.75
C ILE A 459 -62.51 -11.26 3.81
N ASP A 460 -62.25 -12.57 3.78
CA ASP A 460 -60.92 -13.13 3.99
C ASP A 460 -60.36 -13.70 2.68
N ARG A 461 -59.03 -13.57 2.50
CA ARG A 461 -58.28 -14.42 1.57
C ARG A 461 -56.93 -14.70 2.21
N THR A 462 -56.46 -15.96 2.14
CA THR A 462 -55.17 -16.26 2.75
C THR A 462 -54.06 -16.06 1.72
N ARG A 463 -52.89 -15.68 2.25
CA ARG A 463 -51.66 -15.49 1.50
C ARG A 463 -50.60 -16.41 2.08
N ASP A 464 -50.13 -17.34 1.21
CA ASP A 464 -49.10 -18.30 1.52
C ASP A 464 -47.74 -17.86 0.99
N SER A 465 -46.77 -17.60 1.89
CA SER A 465 -45.44 -17.20 1.47
C SER A 465 -44.82 -18.21 0.50
N GLU A 466 -45.23 -19.48 0.57
CA GLU A 466 -44.57 -20.52 -0.22
C GLU A 466 -44.94 -20.42 -1.70
N LEU A 467 -45.93 -19.58 -2.04
CA LEU A 467 -46.24 -19.27 -3.41
C LEU A 467 -45.19 -18.33 -4.02
N GLU A 468 -44.51 -17.56 -3.17
CA GLU A 468 -43.53 -16.59 -3.65
C GLU A 468 -42.11 -17.09 -3.39
N LEU A 469 -41.89 -17.75 -2.24
CA LEU A 469 -40.62 -18.33 -1.88
C LEU A 469 -40.80 -19.81 -1.55
N PRO A 470 -40.93 -20.67 -2.57
CA PRO A 470 -41.15 -22.09 -2.30
C PRO A 470 -39.90 -22.73 -1.71
N PRO A 471 -40.05 -23.92 -1.09
CA PRO A 471 -38.90 -24.72 -0.67
C PRO A 471 -38.26 -25.41 -1.87
N GLU A 472 -37.14 -26.07 -1.64
CA GLU A 472 -36.54 -26.93 -2.66
C GLU A 472 -37.37 -28.21 -2.78
N THR A 473 -37.45 -28.75 -3.99
CA THR A 473 -38.13 -30.00 -4.21
C THR A 473 -37.20 -31.12 -3.78
N SER A 474 -37.52 -31.71 -2.62
CA SER A 474 -36.88 -32.91 -2.12
C SER A 474 -37.97 -33.92 -1.75
N GLY A 475 -37.53 -35.11 -1.33
CA GLY A 475 -38.41 -36.09 -0.71
C GLY A 475 -38.70 -35.72 0.75
N GLN A 476 -38.22 -34.55 1.16
CA GLN A 476 -38.29 -34.07 2.52
C GLN A 476 -39.26 -32.90 2.61
N PRO A 477 -39.98 -32.75 3.74
CA PRO A 477 -40.96 -31.68 3.89
C PRO A 477 -40.31 -30.29 3.96
N ASN A 478 -41.15 -29.27 3.86
CA ASN A 478 -40.71 -27.88 3.76
C ASN A 478 -39.93 -27.41 4.98
N TYR A 479 -40.14 -28.04 6.15
CA TYR A 479 -39.39 -27.66 7.34
C TYR A 479 -37.93 -28.16 7.30
N GLU A 480 -37.61 -29.06 6.35
CA GLU A 480 -36.21 -29.43 6.12
C GLU A 480 -35.66 -28.69 4.90
N SER A 481 -36.48 -28.54 3.84
CA SER A 481 -36.04 -28.06 2.53
C SER A 481 -36.31 -26.58 2.31
N TYR A 482 -36.76 -25.84 3.33
CA TYR A 482 -37.10 -24.45 3.13
C TYR A 482 -35.94 -23.71 2.49
N SER A 483 -36.26 -22.76 1.59
CA SER A 483 -35.24 -22.05 0.84
C SER A 483 -34.97 -20.70 1.50
N HIS A 484 -35.93 -20.17 2.26
CA HIS A 484 -35.78 -18.85 2.87
C HIS A 484 -36.38 -18.86 4.27
N ARG A 485 -35.95 -17.89 5.09
CA ARG A 485 -36.45 -17.72 6.45
C ARG A 485 -36.86 -16.27 6.59
N LEU A 486 -37.82 -15.98 7.48
CA LEU A 486 -38.22 -14.60 7.75
C LEU A 486 -37.07 -13.86 8.44
N GLY A 487 -36.72 -12.70 7.87
CA GLY A 487 -35.61 -11.87 8.34
C GLY A 487 -36.08 -10.63 9.11
N HIS A 488 -37.00 -9.86 8.51
CA HIS A 488 -37.47 -8.63 9.13
C HIS A 488 -38.91 -8.37 8.69
N ILE A 489 -39.54 -7.40 9.35
CA ILE A 489 -40.89 -6.99 9.06
C ILE A 489 -40.91 -5.48 9.01
N THR A 490 -41.19 -4.91 7.82
CA THR A 490 -41.38 -3.47 7.67
C THR A 490 -42.88 -3.19 7.56
N PHE A 491 -43.27 -1.94 7.28
CA PHE A 491 -44.65 -1.54 7.44
C PHE A 491 -44.95 -0.31 6.59
N ILE A 492 -46.12 -0.33 5.94
CA ILE A 492 -46.60 0.82 5.18
C ILE A 492 -47.77 1.42 5.94
N TYR A 493 -47.63 2.68 6.34
CA TYR A 493 -48.59 3.34 7.20
C TYR A 493 -48.91 4.72 6.63
N SER A 494 -50.20 5.03 6.60
CA SER A 494 -50.64 6.40 6.44
C SER A 494 -51.98 6.55 7.14
N SER A 495 -52.11 7.56 7.99
CA SER A 495 -53.35 7.82 8.71
C SER A 495 -54.41 8.33 7.73
N SER A 496 -53.98 9.20 6.79
CA SER A 496 -54.87 9.86 5.85
C SER A 496 -55.66 8.85 5.01
N THR A 497 -54.99 7.78 4.57
CA THR A 497 -55.59 6.84 3.62
C THR A 497 -55.98 5.53 4.32
N SER A 498 -55.87 5.53 5.66
CA SER A 498 -56.10 4.33 6.45
C SER A 498 -55.36 3.14 5.86
N THR A 499 -54.08 3.35 5.51
CA THR A 499 -53.22 2.30 5.00
C THR A 499 -52.46 1.68 6.18
N TYR A 500 -52.55 0.36 6.31
CA TYR A 500 -51.88 -0.38 7.37
C TYR A 500 -51.42 -1.72 6.81
N VAL A 501 -50.21 -1.79 6.28
CA VAL A 501 -49.82 -2.96 5.51
C VAL A 501 -48.42 -3.44 5.88
N PRO A 502 -48.30 -4.63 6.54
CA PRO A 502 -47.01 -5.27 6.76
C PRO A 502 -46.33 -5.68 5.47
N VAL A 503 -45.01 -5.80 5.54
CA VAL A 503 -44.17 -6.27 4.45
C VAL A 503 -43.09 -7.16 5.06
N PHE A 504 -42.96 -8.39 4.55
CA PHE A 504 -42.04 -9.36 5.11
C PHE A 504 -40.78 -9.43 4.24
N SER A 505 -39.61 -9.44 4.88
CA SER A 505 -38.34 -9.61 4.17
C SER A 505 -37.74 -10.94 4.60
N TRP A 506 -36.93 -11.53 3.71
CA TRP A 506 -36.50 -12.92 3.84
C TRP A 506 -35.04 -13.03 3.47
N THR A 507 -34.31 -13.90 4.19
CA THR A 507 -32.93 -14.21 3.87
C THR A 507 -32.86 -15.67 3.42
N HIS A 508 -31.81 -15.96 2.66
CA HIS A 508 -31.60 -17.25 2.03
C HIS A 508 -31.02 -18.22 3.05
N ARG A 509 -31.39 -19.50 2.87
CA ARG A 509 -30.93 -20.61 3.69
C ARG A 509 -29.41 -20.73 3.73
N SER A 510 -28.73 -20.46 2.61
CA SER A 510 -27.29 -20.62 2.48
C SER A 510 -26.51 -19.70 3.43
N ALA A 511 -27.14 -18.59 3.87
CA ALA A 511 -26.54 -17.69 4.85
C ALA A 511 -26.85 -18.20 6.25
N ASP A 512 -25.82 -18.70 6.94
CA ASP A 512 -26.01 -19.25 8.26
C ASP A 512 -26.03 -18.10 9.27
N LEU A 513 -26.43 -18.45 10.50
CA LEU A 513 -26.62 -17.50 11.56
C LEU A 513 -25.45 -17.52 12.53
N THR A 514 -24.38 -18.31 12.26
CA THR A 514 -23.27 -18.48 13.20
C THR A 514 -21.88 -18.14 12.61
N ASN A 515 -21.73 -18.04 11.29
CA ASN A 515 -20.41 -17.93 10.69
C ASN A 515 -19.52 -19.12 11.14
N THR A 516 -20.06 -20.34 10.97
CA THR A 516 -19.34 -21.58 11.21
C THR A 516 -18.34 -21.82 10.08
N VAL A 517 -17.11 -22.17 10.48
CA VAL A 517 -16.04 -22.48 9.53
C VAL A 517 -15.65 -23.94 9.74
N LYS A 518 -15.90 -24.78 8.72
CA LYS A 518 -15.67 -26.22 8.82
C LYS A 518 -14.31 -26.57 8.22
N SER A 519 -13.83 -27.78 8.57
CA SER A 519 -12.51 -28.29 8.19
C SER A 519 -12.42 -28.69 6.72
N GLY A 520 -13.52 -29.22 6.18
CA GLY A 520 -13.43 -30.02 4.97
C GLY A 520 -13.42 -29.18 3.69
N GLU A 521 -13.56 -27.86 3.82
CA GLU A 521 -14.07 -27.00 2.76
C GLU A 521 -13.39 -25.63 2.76
N ILE A 522 -13.48 -24.95 1.62
CA ILE A 522 -13.30 -23.51 1.54
C ILE A 522 -14.58 -22.83 2.01
N THR A 523 -14.52 -22.10 3.13
CA THR A 523 -15.66 -21.38 3.67
C THR A 523 -15.59 -19.92 3.27
N GLN A 524 -16.69 -19.42 2.67
CA GLN A 524 -16.78 -18.02 2.30
C GLN A 524 -17.63 -17.26 3.31
N ILE A 525 -17.09 -16.12 3.79
CA ILE A 525 -17.84 -15.23 4.67
C ILE A 525 -17.86 -13.85 4.04
N PRO A 526 -19.03 -13.47 3.47
CA PRO A 526 -19.24 -12.13 2.92
C PRO A 526 -19.09 -11.03 3.96
N GLY A 527 -18.67 -9.84 3.49
CA GLY A 527 -18.36 -8.72 4.36
C GLY A 527 -19.61 -8.23 5.09
N GLY A 528 -20.76 -8.45 4.47
CA GLY A 528 -22.03 -8.14 5.10
C GLY A 528 -22.31 -8.93 6.38
N LYS A 529 -21.65 -10.06 6.57
CA LYS A 529 -21.85 -10.89 7.75
C LYS A 529 -20.92 -10.52 8.89
N SER A 530 -20.36 -9.29 8.86
CA SER A 530 -19.58 -8.77 9.96
C SER A 530 -20.51 -8.29 11.08
N SER A 531 -19.93 -8.08 12.27
CA SER A 531 -20.67 -7.90 13.50
C SER A 531 -20.59 -6.45 13.98
N TYR A 532 -21.66 -6.05 14.69
CA TYR A 532 -21.79 -4.71 15.24
C TYR A 532 -21.09 -4.64 16.60
N ILE A 533 -20.15 -3.68 16.73
CA ILE A 533 -19.34 -3.60 17.93
C ILE A 533 -19.48 -2.22 18.59
N GLY A 534 -20.43 -1.41 18.13
CA GLY A 534 -20.66 -0.10 18.71
C GLY A 534 -20.18 1.02 17.79
N ARG A 535 -19.54 0.63 16.67
CA ARG A 535 -19.00 1.58 15.72
C ARG A 535 -19.98 1.78 14.58
N ASN A 536 -19.83 2.92 13.89
CA ASN A 536 -20.55 3.17 12.65
C ASN A 536 -19.99 2.15 11.66
N THR A 537 -20.61 2.04 10.48
CA THR A 537 -20.11 1.12 9.47
C THR A 537 -20.79 1.44 8.14
N TYR A 538 -20.02 1.32 7.04
CA TYR A 538 -20.45 1.75 5.72
C TYR A 538 -20.64 0.55 4.79
N ILE A 539 -21.89 0.38 4.34
CA ILE A 539 -22.29 -0.73 3.50
C ILE A 539 -22.84 -0.17 2.20
N ILE A 540 -22.29 -0.65 1.08
CA ILE A 540 -22.68 -0.27 -0.27
C ILE A 540 -23.66 -1.32 -0.79
N LYS A 541 -24.70 -0.88 -1.50
CA LYS A 541 -25.66 -1.80 -2.09
C LYS A 541 -24.94 -2.58 -3.20
N GLY A 542 -25.19 -3.90 -3.24
CA GLY A 542 -24.62 -4.74 -4.29
C GLY A 542 -25.50 -4.74 -5.53
N ARG A 543 -24.93 -5.21 -6.65
CA ARG A 543 -25.59 -5.16 -7.95
C ARG A 543 -26.06 -6.54 -8.42
N GLY A 544 -25.59 -7.58 -7.69
CA GLY A 544 -25.90 -8.97 -8.00
C GLY A 544 -24.64 -9.85 -8.06
N TYR A 545 -23.48 -9.25 -8.32
CA TYR A 545 -22.30 -10.04 -8.57
C TYR A 545 -21.90 -10.89 -7.36
N THR A 546 -22.26 -10.47 -6.13
CA THR A 546 -21.66 -11.03 -4.92
C THR A 546 -22.69 -11.82 -4.10
N GLY A 547 -23.95 -11.79 -4.52
CA GLY A 547 -25.02 -12.40 -3.75
C GLY A 547 -25.45 -11.56 -2.55
N GLY A 548 -24.87 -10.37 -2.40
CA GLY A 548 -25.32 -9.43 -1.39
C GLY A 548 -24.54 -8.12 -1.43
N ASP A 549 -24.63 -7.39 -0.31
CA ASP A 549 -24.11 -6.03 -0.26
C ASP A 549 -22.64 -6.09 0.11
N LEU A 550 -21.98 -4.95 -0.05
CA LEU A 550 -20.53 -4.83 -0.02
C LEU A 550 -20.12 -3.96 1.17
N LEU A 551 -19.13 -4.43 1.91
CA LEU A 551 -18.56 -3.71 3.04
C LEU A 551 -17.41 -2.83 2.55
N ALA A 552 -17.43 -1.55 2.94
CA ALA A 552 -16.38 -0.63 2.54
C ALA A 552 -15.66 -0.10 3.79
N LEU A 553 -14.33 0.03 3.68
CA LEU A 553 -13.51 0.70 4.68
C LEU A 553 -12.98 2.02 4.12
N THR A 554 -13.09 3.11 4.90
CA THR A 554 -12.72 4.43 4.41
C THR A 554 -11.98 5.17 5.51
N ASP A 555 -11.52 6.39 5.23
CA ASP A 555 -10.82 7.15 6.25
C ASP A 555 -11.73 7.33 7.47
N ARG A 556 -13.03 7.61 7.25
CA ARG A 556 -13.94 7.94 8.34
C ARG A 556 -14.31 6.72 9.17
N ILE A 557 -14.51 5.54 8.55
CA ILE A 557 -14.80 4.34 9.34
C ILE A 557 -13.92 3.17 8.89
N GLY A 558 -12.82 2.98 9.63
CA GLY A 558 -11.61 2.35 9.12
C GLY A 558 -11.49 0.84 9.40
N SER A 559 -12.27 0.29 10.34
CA SER A 559 -12.18 -1.12 10.68
C SER A 559 -13.53 -1.84 10.55
N CYS A 560 -13.46 -3.20 10.55
CA CYS A 560 -14.60 -4.09 10.73
C CYS A 560 -14.18 -5.34 11.51
N GLU A 561 -15.16 -6.05 12.09
CA GLU A 561 -14.90 -7.26 12.86
C GLU A 561 -15.80 -8.43 12.45
N PHE A 562 -15.18 -9.61 12.27
CA PHE A 562 -15.90 -10.86 12.10
C PHE A 562 -15.84 -11.70 13.38
N GLN A 563 -16.95 -12.39 13.65
CA GLN A 563 -17.06 -13.32 14.76
C GLN A 563 -17.49 -14.67 14.21
N MET A 564 -16.73 -15.72 14.58
CA MET A 564 -16.85 -17.01 13.91
C MET A 564 -16.74 -18.17 14.89
N ILE A 565 -17.39 -19.28 14.54
CA ILE A 565 -17.29 -20.56 15.26
C ILE A 565 -16.40 -21.51 14.46
N PHE A 566 -15.37 -22.05 15.14
CA PHE A 566 -14.52 -23.10 14.59
C PHE A 566 -14.69 -24.33 15.47
N PRO A 567 -15.56 -25.28 15.05
CA PRO A 567 -15.83 -26.47 15.85
C PRO A 567 -14.75 -27.55 15.78
N GLU A 568 -13.73 -27.33 14.93
CA GLU A 568 -12.65 -28.28 14.72
C GLU A 568 -11.29 -27.59 14.70
N SER A 569 -10.28 -28.22 15.30
CA SER A 569 -8.90 -27.76 15.19
C SER A 569 -8.42 -27.95 13.75
N GLN A 570 -7.69 -26.97 13.22
CA GLN A 570 -7.37 -26.95 11.80
C GLN A 570 -6.49 -25.75 11.48
N ARG A 571 -5.71 -25.92 10.40
CA ARG A 571 -4.82 -24.91 9.84
C ARG A 571 -5.46 -24.36 8.57
N PHE A 572 -5.42 -23.02 8.41
CA PHE A 572 -6.08 -22.34 7.31
C PHE A 572 -5.12 -21.31 6.72
N ARG A 573 -5.24 -21.08 5.41
CA ARG A 573 -4.82 -19.81 4.85
C ARG A 573 -6.06 -18.97 4.52
N ILE A 574 -5.86 -17.65 4.56
CA ILE A 574 -6.92 -16.67 4.39
C ILE A 574 -6.74 -15.98 3.06
N ARG A 575 -7.84 -15.80 2.35
CA ARG A 575 -7.84 -15.17 1.05
C ARG A 575 -8.99 -14.15 1.00
N ILE A 576 -8.73 -12.99 0.39
CA ILE A 576 -9.68 -11.91 0.44
C ILE A 576 -10.02 -11.45 -0.98
N ARG A 577 -11.33 -11.34 -1.24
CA ARG A 577 -11.84 -10.83 -2.49
C ARG A 577 -12.33 -9.40 -2.30
N TYR A 578 -11.82 -8.46 -3.11
CA TYR A 578 -11.91 -7.05 -2.79
C TYR A 578 -11.88 -6.21 -4.08
N ALA A 579 -12.08 -4.89 -3.93
CA ALA A 579 -11.74 -3.93 -4.97
C ALA A 579 -11.23 -2.64 -4.33
N SER A 580 -10.38 -1.91 -5.06
CA SER A 580 -9.99 -0.58 -4.64
C SER A 580 -9.48 0.25 -5.82
N ASN A 581 -9.51 1.57 -5.64
CA ASN A 581 -8.99 2.54 -6.59
C ASN A 581 -7.56 2.93 -6.23
N GLU A 582 -7.01 2.31 -5.18
CA GLU A 582 -5.66 2.61 -4.76
C GLU A 582 -4.95 1.37 -4.23
N THR A 583 -3.61 1.48 -4.24
CA THR A 583 -2.72 0.51 -3.61
C THR A 583 -2.36 0.97 -2.20
N SER A 584 -2.52 0.08 -1.21
CA SER A 584 -2.21 0.37 0.18
C SER A 584 -2.15 -0.93 0.98
N TYR A 585 -2.35 -0.86 2.29
CA TYR A 585 -2.21 -2.01 3.19
C TYR A 585 -3.43 -2.11 4.09
N ILE A 586 -3.84 -3.34 4.35
CA ILE A 586 -4.79 -3.64 5.42
C ILE A 586 -3.99 -4.35 6.51
N SER A 587 -4.51 -4.37 7.74
CA SER A 587 -3.91 -5.18 8.77
C SER A 587 -4.98 -6.12 9.32
N LEU A 588 -4.55 -7.28 9.85
CA LEU A 588 -5.43 -8.30 10.39
C LEU A 588 -5.01 -8.58 11.82
N TYR A 589 -5.98 -8.68 12.74
CA TYR A 589 -5.69 -9.04 14.11
C TYR A 589 -6.74 -10.02 14.59
N GLY A 590 -6.25 -11.07 15.27
CA GLY A 590 -7.06 -12.12 15.82
C GLY A 590 -6.62 -13.49 15.31
N LEU A 591 -7.22 -14.53 15.87
CA LEU A 591 -6.86 -15.89 15.59
C LEU A 591 -5.37 -16.07 15.92
N ASN A 592 -4.96 -15.47 17.05
CA ASN A 592 -3.68 -15.72 17.71
C ASN A 592 -2.52 -15.10 16.94
N GLN A 593 -2.75 -14.04 16.18
CA GLN A 593 -1.70 -13.44 15.38
C GLN A 593 -2.09 -12.01 14.97
N SER A 594 -1.20 -11.38 14.21
CA SER A 594 -1.42 -10.05 13.67
C SER A 594 -0.37 -9.77 12.60
N GLY A 595 -0.77 -9.02 11.57
CA GLY A 595 0.15 -8.62 10.52
C GLY A 595 -0.55 -7.81 9.45
N THR A 596 0.09 -7.72 8.30
CA THR A 596 -0.22 -6.67 7.36
C THR A 596 -0.17 -7.27 5.96
N LEU A 597 -1.04 -6.79 5.07
CA LEU A 597 -1.15 -7.34 3.73
C LEU A 597 -1.36 -6.21 2.72
N LYS A 598 -0.48 -6.14 1.72
CA LYS A 598 -0.61 -5.16 0.66
C LYS A 598 -1.75 -5.56 -0.28
N PHE A 599 -2.54 -4.57 -0.71
CA PHE A 599 -3.54 -4.76 -1.75
C PHE A 599 -3.30 -3.75 -2.87
N ASN A 600 -3.63 -4.16 -4.11
CA ASN A 600 -3.31 -3.35 -5.28
C ASN A 600 -4.58 -2.79 -5.88
N GLN A 601 -4.44 -1.62 -6.50
CA GLN A 601 -5.54 -0.98 -7.21
C GLN A 601 -6.14 -2.00 -8.17
N THR A 602 -7.48 -2.12 -8.19
CA THR A 602 -8.16 -3.04 -9.12
C THR A 602 -8.95 -2.27 -10.17
N TYR A 603 -9.32 -1.01 -9.90
CA TYR A 603 -10.07 -0.22 -10.86
C TYR A 603 -9.61 1.23 -10.77
N SER A 604 -10.15 2.04 -11.69
CA SER A 604 -9.72 3.41 -11.88
C SER A 604 -10.89 4.26 -12.35
N ASN A 605 -11.01 5.48 -11.83
CA ASN A 605 -11.85 6.51 -12.41
C ASN A 605 -13.32 6.10 -12.45
N LYS A 606 -13.77 5.36 -11.43
CA LYS A 606 -15.16 4.93 -11.32
C LYS A 606 -15.68 5.23 -9.91
N ASN A 607 -16.95 5.62 -9.85
CA ASN A 607 -17.73 5.58 -8.63
C ASN A 607 -17.78 4.14 -8.12
N GLU A 608 -17.89 3.94 -6.80
CA GLU A 608 -17.81 2.59 -6.24
C GLU A 608 -19.15 1.84 -6.41
N ASN A 609 -20.17 2.50 -6.95
CA ASN A 609 -21.43 1.87 -7.27
C ASN A 609 -21.51 1.44 -8.74
N ASP A 610 -20.46 1.68 -9.54
CA ASP A 610 -20.49 1.32 -10.95
C ASP A 610 -19.52 0.18 -11.23
N LEU A 611 -19.24 -0.65 -10.22
CA LEU A 611 -18.27 -1.73 -10.33
C LEU A 611 -18.85 -2.90 -11.12
N THR A 612 -18.00 -3.48 -11.96
CA THR A 612 -18.36 -4.64 -12.74
C THR A 612 -17.45 -5.82 -12.36
N TYR A 613 -17.66 -6.93 -13.08
CA TYR A 613 -17.15 -8.20 -12.64
C TYR A 613 -15.64 -8.16 -12.48
N ASN A 614 -14.92 -7.57 -13.45
CA ASN A 614 -13.46 -7.63 -13.50
C ASN A 614 -12.79 -6.62 -12.58
N ASP A 615 -13.55 -5.85 -11.78
CA ASP A 615 -13.01 -4.89 -10.84
C ASP A 615 -12.67 -5.53 -9.50
N PHE A 616 -13.11 -6.78 -9.30
CA PHE A 616 -12.82 -7.55 -8.09
C PHE A 616 -11.64 -8.49 -8.29
N LYS A 617 -10.74 -8.53 -7.28
CA LYS A 617 -9.56 -9.38 -7.35
C LYS A 617 -9.36 -10.06 -5.99
N TYR A 618 -8.33 -10.90 -5.93
CA TYR A 618 -7.99 -11.62 -4.71
C TYR A 618 -6.61 -11.23 -4.21
N ILE A 619 -6.44 -11.25 -2.88
CA ILE A 619 -5.14 -11.22 -2.24
C ILE A 619 -5.10 -12.33 -1.20
N GLU A 620 -3.88 -12.83 -0.99
CA GLU A 620 -3.60 -14.00 -0.19
C GLU A 620 -2.68 -13.55 0.95
N TYR A 621 -3.18 -13.68 2.17
CA TYR A 621 -2.36 -13.55 3.37
C TYR A 621 -1.38 -14.71 3.47
N PRO A 622 -0.04 -14.49 3.37
CA PRO A 622 0.92 -15.59 3.38
C PRO A 622 1.03 -16.41 4.67
N ARG A 623 0.64 -15.82 5.81
CA ARG A 623 0.78 -16.46 7.11
C ARG A 623 -0.31 -17.52 7.31
N VAL A 624 0.12 -18.78 7.44
CA VAL A 624 -0.74 -19.87 7.88
C VAL A 624 -1.19 -19.63 9.32
N ILE A 625 -2.46 -19.95 9.58
CA ILE A 625 -3.13 -19.66 10.83
C ILE A 625 -3.66 -20.96 11.41
N SER A 626 -3.47 -21.12 12.71
CA SER A 626 -3.78 -22.35 13.42
C SER A 626 -4.85 -22.04 14.47
N VAL A 627 -6.03 -22.65 14.37
CA VAL A 627 -7.07 -22.37 15.33
C VAL A 627 -7.34 -23.63 16.13
N ASN A 628 -7.68 -23.45 17.41
CA ASN A 628 -8.13 -24.53 18.27
C ASN A 628 -9.64 -24.60 18.24
N ALA A 629 -10.17 -25.82 18.26
CA ALA A 629 -11.60 -26.06 18.34
C ALA A 629 -12.17 -25.39 19.59
N SER A 630 -13.32 -24.73 19.44
CA SER A 630 -13.99 -24.08 20.56
C SER A 630 -15.47 -23.87 20.24
N SER A 631 -16.28 -23.82 21.30
CA SER A 631 -17.70 -23.47 21.21
C SER A 631 -17.89 -21.96 21.25
N ASN A 632 -16.86 -21.24 21.71
CA ASN A 632 -16.95 -19.78 21.83
C ASN A 632 -16.56 -19.12 20.51
N ILE A 633 -16.99 -17.86 20.38
CA ILE A 633 -16.68 -17.07 19.21
C ILE A 633 -15.20 -16.74 19.18
N GLN A 634 -14.62 -16.74 17.98
CA GLN A 634 -13.28 -16.24 17.73
C GLN A 634 -13.34 -15.09 16.74
N ARG A 635 -12.46 -14.10 16.93
CA ARG A 635 -12.60 -12.77 16.37
C ARG A 635 -11.45 -12.45 15.42
N LEU A 636 -11.80 -11.91 14.24
CA LEU A 636 -10.83 -11.37 13.30
C LEU A 636 -11.26 -9.94 12.96
N SER A 637 -10.40 -8.98 13.28
CA SER A 637 -10.69 -7.62 12.90
C SER A 637 -9.77 -7.25 11.74
N ILE A 638 -10.33 -6.53 10.76
CA ILE A 638 -9.58 -5.98 9.63
C ILE A 638 -9.60 -4.45 9.72
N GLY A 639 -8.46 -3.81 9.51
CA GLY A 639 -8.36 -2.36 9.55
C GLY A 639 -7.59 -1.85 8.34
N ILE A 640 -7.65 -0.54 8.08
CA ILE A 640 -6.78 0.06 7.08
C ILE A 640 -5.84 1.02 7.77
N GLN A 641 -4.65 1.25 7.17
CA GLN A 641 -3.71 2.26 7.63
C GLN A 641 -4.34 3.66 7.61
N THR A 642 -3.55 4.67 8.00
CA THR A 642 -4.04 6.05 8.04
C THR A 642 -3.61 6.80 6.77
N ASN A 643 -3.00 6.06 5.84
CA ASN A 643 -2.84 6.52 4.47
C ASN A 643 -4.17 6.32 3.73
N THR A 644 -4.78 5.14 3.95
CA THR A 644 -5.75 4.55 3.05
C THR A 644 -7.07 5.34 3.07
N ASN A 645 -7.71 5.41 1.87
CA ASN A 645 -8.96 6.13 1.63
C ASN A 645 -10.12 5.17 1.33
N LEU A 646 -9.89 4.12 0.53
CA LEU A 646 -10.97 3.22 0.16
C LEU A 646 -10.50 1.77 0.05
N PHE A 647 -11.27 0.85 0.64
CA PHE A 647 -11.10 -0.59 0.47
C PHE A 647 -12.46 -1.26 0.53
N ILE A 648 -12.82 -2.00 -0.53
CA ILE A 648 -14.12 -2.65 -0.63
C ILE A 648 -13.95 -4.16 -0.49
N LEU A 649 -14.61 -4.72 0.53
CA LEU A 649 -14.52 -6.12 0.88
C LEU A 649 -15.75 -6.86 0.37
N ASP A 650 -15.51 -7.84 -0.50
CA ASP A 650 -16.54 -8.74 -0.99
C ASP A 650 -16.74 -9.81 0.08
N ARG A 651 -15.68 -10.60 0.31
CA ARG A 651 -15.72 -11.75 1.21
C ARG A 651 -14.30 -12.21 1.58
N ILE A 652 -14.21 -12.77 2.80
CA ILE A 652 -13.02 -13.48 3.22
C ILE A 652 -13.28 -14.97 3.04
N GLU A 653 -12.18 -15.72 2.86
CA GLU A 653 -12.22 -17.13 2.55
C GLU A 653 -11.19 -17.84 3.41
N PHE A 654 -11.60 -18.96 4.01
CA PHE A 654 -10.71 -19.86 4.72
C PHE A 654 -10.50 -21.11 3.86
N ILE A 655 -9.24 -21.45 3.63
CA ILE A 655 -8.85 -22.57 2.79
C ILE A 655 -8.07 -23.58 3.65
N PRO A 656 -8.51 -24.84 3.82
CA PRO A 656 -7.74 -25.82 4.56
C PRO A 656 -6.37 -26.00 3.91
N VAL A 657 -5.33 -25.94 4.73
CA VAL A 657 -3.97 -26.29 4.33
C VAL A 657 -3.47 -27.44 5.20
N ASP A 658 -2.56 -28.26 4.68
CA ASP A 658 -2.05 -29.36 5.49
C ASP A 658 -0.79 -28.92 6.24
N GLU A 659 -0.27 -29.83 7.05
CA GLU A 659 0.79 -29.50 8.00
C GLU A 659 2.09 -29.08 7.29
N THR A 660 2.39 -29.56 6.09
CA THR A 660 3.68 -29.26 5.47
C THR A 660 3.57 -28.09 4.51
N TYR A 661 2.40 -27.43 4.42
CA TYR A 661 2.15 -26.44 3.38
C TYR A 661 3.12 -25.27 3.55
N GLU A 662 3.30 -24.80 4.79
CA GLU A 662 4.19 -23.68 5.03
C GLU A 662 5.60 -24.00 4.53
N ALA A 663 6.07 -25.22 4.84
CA ALA A 663 7.43 -25.63 4.54
C ALA A 663 7.64 -25.73 3.03
N GLU A 664 6.65 -26.30 2.35
CA GLU A 664 6.71 -26.49 0.92
C GLU A 664 6.84 -25.13 0.23
N THR A 665 5.99 -24.15 0.64
CA THR A 665 5.92 -22.91 -0.11
C THR A 665 7.15 -22.05 0.16
N ASP A 666 7.76 -22.18 1.35
CA ASP A 666 9.03 -21.53 1.62
C ASP A 666 10.15 -22.12 0.76
N LEU A 667 10.13 -23.43 0.50
CA LEU A 667 11.14 -24.02 -0.38
C LEU A 667 11.03 -23.38 -1.76
N GLU A 668 9.79 -23.28 -2.28
CA GLU A 668 9.60 -22.81 -3.64
C GLU A 668 10.06 -21.36 -3.75
N ALA A 669 9.72 -20.54 -2.75
CA ALA A 669 10.03 -19.12 -2.78
C ALA A 669 11.54 -18.90 -2.77
N ALA A 670 12.27 -19.76 -2.07
CA ALA A 670 13.71 -19.63 -1.95
C ALA A 670 14.43 -20.12 -3.20
N LYS A 671 13.89 -21.19 -3.83
CA LYS A 671 14.51 -21.71 -5.03
C LYS A 671 14.33 -20.68 -6.16
N LYS A 672 13.17 -20.02 -6.19
CA LYS A 672 12.88 -18.97 -7.17
C LYS A 672 13.82 -17.78 -7.01
N ALA A 673 13.96 -17.27 -5.79
CA ALA A 673 14.75 -16.08 -5.54
C ALA A 673 16.23 -16.33 -5.84
N VAL A 674 16.72 -17.53 -5.50
CA VAL A 674 18.12 -17.85 -5.72
C VAL A 674 18.37 -18.01 -7.22
N ASN A 675 17.45 -18.69 -7.87
CA ASN A 675 17.58 -18.90 -9.29
C ASN A 675 17.64 -17.57 -10.04
N ALA A 676 16.94 -16.52 -9.54
CA ALA A 676 16.79 -15.26 -10.25
C ALA A 676 18.08 -14.43 -10.22
N LEU A 677 19.03 -14.84 -9.39
CA LEU A 677 20.30 -14.16 -9.24
C LEU A 677 21.21 -14.39 -10.46
N PHE A 678 21.02 -15.52 -11.14
CA PHE A 678 22.08 -16.09 -11.96
C PHE A 678 21.73 -16.01 -13.44
N THR A 679 22.75 -16.11 -14.30
CA THR A 679 22.55 -16.31 -15.73
C THR A 679 22.04 -17.73 -15.96
N ASN A 680 21.84 -18.10 -17.23
CA ASN A 680 21.28 -19.40 -17.57
C ASN A 680 22.27 -20.52 -17.26
N THR A 681 23.57 -20.25 -17.45
CA THR A 681 24.63 -21.21 -17.13
C THR A 681 24.85 -21.33 -15.61
N LYS A 682 24.30 -20.42 -14.80
CA LYS A 682 24.28 -20.56 -13.35
C LYS A 682 25.64 -20.25 -12.71
N ASP A 683 26.53 -19.59 -13.45
CA ASP A 683 27.90 -19.34 -13.00
C ASP A 683 28.27 -17.86 -13.08
N GLY A 684 27.29 -16.99 -13.33
CA GLY A 684 27.49 -15.55 -13.27
C GLY A 684 26.24 -14.88 -12.70
N LEU A 685 26.41 -13.61 -12.27
CA LEU A 685 25.31 -12.75 -11.82
C LEU A 685 24.63 -12.03 -12.99
N GLN A 686 23.30 -11.94 -12.93
CA GLN A 686 22.54 -11.07 -13.82
C GLN A 686 22.94 -9.61 -13.54
N PRO A 687 23.12 -8.76 -14.59
CA PRO A 687 23.70 -7.41 -14.41
C PRO A 687 22.92 -6.49 -13.47
N GLY A 688 21.58 -6.63 -13.52
CA GLY A 688 20.66 -5.78 -12.78
C GLY A 688 20.28 -6.38 -11.43
N VAL A 689 20.93 -7.49 -11.04
CA VAL A 689 20.78 -8.01 -9.68
C VAL A 689 21.71 -7.23 -8.75
N THR A 690 21.15 -6.72 -7.64
CA THR A 690 21.91 -5.89 -6.71
C THR A 690 22.51 -6.75 -5.61
N ASP A 691 23.50 -6.16 -4.92
CA ASP A 691 24.10 -6.78 -3.76
C ASP A 691 23.04 -7.01 -2.68
N TYR A 692 22.14 -6.02 -2.49
CA TYR A 692 21.02 -6.19 -1.58
C TYR A 692 20.20 -7.44 -1.92
N GLU A 693 19.94 -7.70 -3.21
CA GLU A 693 19.13 -8.84 -3.60
C GLU A 693 19.79 -10.18 -3.28
N VAL A 694 21.13 -10.23 -3.28
CA VAL A 694 21.85 -11.44 -2.90
C VAL A 694 21.61 -11.74 -1.42
N ASN A 695 21.70 -10.69 -0.59
CA ASN A 695 21.41 -10.80 0.83
C ASN A 695 19.96 -11.24 1.05
N GLN A 696 19.02 -10.63 0.34
CA GLN A 696 17.61 -10.96 0.46
C GLN A 696 17.41 -12.47 0.25
N ALA A 697 18.01 -13.00 -0.82
CA ALA A 697 17.84 -14.40 -1.13
C ALA A 697 18.44 -15.26 -0.04
N ALA A 698 19.65 -14.91 0.44
CA ALA A 698 20.29 -15.65 1.50
C ALA A 698 19.38 -15.75 2.71
N ASN A 699 18.70 -14.65 3.06
CA ASN A 699 17.80 -14.64 4.20
C ASN A 699 16.62 -15.61 4.01
N LEU A 700 16.14 -15.73 2.78
CA LEU A 700 15.01 -16.58 2.49
C LEU A 700 15.39 -18.05 2.55
N VAL A 701 16.66 -18.34 2.25
CA VAL A 701 17.14 -19.69 2.33
C VAL A 701 17.09 -20.18 3.77
N GLU A 702 17.28 -19.25 4.72
CA GLU A 702 17.27 -19.62 6.14
C GLU A 702 15.88 -20.08 6.59
N CYS A 703 14.81 -19.73 5.85
CA CYS A 703 13.46 -20.16 6.20
C CYS A 703 13.29 -21.67 6.09
N LEU A 704 14.15 -22.37 5.32
CA LEU A 704 13.91 -23.78 4.97
C LEU A 704 14.03 -24.70 6.17
N SER A 705 13.19 -25.76 6.18
CA SER A 705 13.20 -26.77 7.22
C SER A 705 14.44 -27.67 7.11
N ASP A 706 15.28 -27.66 8.16
CA ASP A 706 16.43 -28.54 8.31
C ASP A 706 16.01 -30.02 8.30
N ASP A 707 14.85 -30.31 8.90
CA ASP A 707 14.38 -31.66 9.08
C ASP A 707 13.80 -32.24 7.79
N LEU A 708 13.15 -31.39 6.96
CA LEU A 708 12.47 -31.84 5.74
C LEU A 708 13.39 -31.77 4.52
N TYR A 709 14.20 -30.73 4.45
CA TYR A 709 14.84 -30.33 3.21
C TYR A 709 16.33 -30.06 3.43
N PRO A 710 17.09 -30.99 4.07
CA PRO A 710 18.48 -30.70 4.42
C PRO A 710 19.34 -30.46 3.19
N ASN A 711 19.25 -31.37 2.22
CA ASN A 711 20.11 -31.30 1.06
C ASN A 711 19.81 -30.05 0.25
N GLU A 712 18.51 -29.71 0.11
CA GLU A 712 18.10 -28.57 -0.68
C GLU A 712 18.67 -27.28 -0.05
N LYS A 713 18.51 -27.15 1.26
CA LYS A 713 19.01 -25.98 1.98
C LYS A 713 20.53 -25.86 1.78
N ARG A 714 21.24 -26.99 1.85
CA ARG A 714 22.70 -26.97 1.71
C ARG A 714 23.09 -26.47 0.32
N LEU A 715 22.37 -26.91 -0.74
CA LEU A 715 22.73 -26.54 -2.10
C LEU A 715 22.32 -25.11 -2.38
N LEU A 716 21.18 -24.66 -1.82
CA LEU A 716 20.75 -23.29 -2.00
C LEU A 716 21.68 -22.31 -1.25
N PHE A 717 22.30 -22.73 -0.14
CA PHE A 717 23.31 -21.93 0.57
C PHE A 717 24.62 -21.86 -0.24
N ASP A 718 25.04 -22.98 -0.84
CA ASP A 718 26.24 -22.98 -1.68
C ASP A 718 26.11 -21.94 -2.79
N ALA A 719 24.88 -21.87 -3.33
CA ALA A 719 24.50 -20.99 -4.42
C ALA A 719 24.61 -19.51 -4.04
N VAL A 720 24.01 -19.14 -2.90
CA VAL A 720 23.99 -17.74 -2.51
C VAL A 720 25.36 -17.30 -2.02
N ARG A 721 26.16 -18.18 -1.42
CA ARG A 721 27.51 -17.80 -1.01
C ARG A 721 28.35 -17.47 -2.23
N GLU A 722 28.24 -18.32 -3.26
CA GLU A 722 28.90 -18.10 -4.54
C GLU A 722 28.41 -16.79 -5.14
N ALA A 723 27.09 -16.57 -5.07
CA ALA A 723 26.53 -15.34 -5.61
C ALA A 723 27.15 -14.15 -4.91
N LYS A 724 27.37 -14.28 -3.59
CA LYS A 724 27.91 -13.18 -2.80
C LYS A 724 29.36 -12.94 -3.17
N ARG A 725 30.10 -14.00 -3.51
CA ARG A 725 31.48 -13.81 -3.89
C ARG A 725 31.54 -13.07 -5.23
N LEU A 726 30.63 -13.41 -6.14
CA LEU A 726 30.54 -12.74 -7.44
C LEU A 726 30.21 -11.27 -7.29
N SER A 727 29.34 -10.89 -6.33
CA SER A 727 28.97 -9.50 -6.11
C SER A 727 30.18 -8.67 -5.73
N GLU A 728 30.99 -9.21 -4.81
CA GLU A 728 32.16 -8.54 -4.28
C GLU A 728 33.25 -8.44 -5.35
N ALA A 729 33.37 -9.49 -6.17
CA ALA A 729 34.36 -9.48 -7.25
C ALA A 729 34.05 -8.39 -8.28
N ARG A 730 32.77 -8.07 -8.52
CA ARG A 730 32.45 -7.12 -9.58
C ARG A 730 32.31 -5.68 -9.05
N ASN A 731 32.29 -5.51 -7.72
CA ASN A 731 32.15 -4.21 -7.08
C ASN A 731 33.47 -3.45 -7.17
N LEU A 732 33.45 -2.24 -7.73
CA LEU A 732 34.68 -1.48 -7.94
C LEU A 732 35.00 -0.59 -6.74
N LEU A 733 34.07 -0.49 -5.78
CA LEU A 733 34.36 0.22 -4.54
C LEU A 733 35.24 -0.66 -3.67
N GLN A 734 36.28 -0.07 -3.08
CA GLN A 734 37.07 -0.71 -2.06
C GLN A 734 36.33 -0.69 -0.72
N ASP A 735 36.65 -1.71 0.08
CA ASP A 735 36.19 -1.89 1.44
C ASP A 735 34.67 -1.78 1.53
N PRO A 736 33.91 -2.65 0.82
CA PRO A 736 32.44 -2.64 0.88
C PRO A 736 31.79 -3.13 2.18
N ASP A 737 32.56 -3.81 3.05
CA ASP A 737 32.09 -4.24 4.36
C ASP A 737 32.56 -3.29 5.48
N PHE A 738 33.15 -2.14 5.12
CA PHE A 738 33.45 -1.05 6.03
C PHE A 738 34.37 -1.47 7.18
N GLN A 739 35.48 -2.16 6.88
CA GLN A 739 36.42 -2.63 7.88
C GLN A 739 37.61 -1.69 8.11
N GLU A 740 37.80 -0.69 7.25
CA GLU A 740 39.03 0.08 7.20
C GLU A 740 38.70 1.55 6.97
N ILE A 741 37.74 2.07 7.71
CA ILE A 741 37.34 3.46 7.51
C ILE A 741 38.54 4.37 7.72
N ASN A 742 38.67 5.35 6.81
CA ASN A 742 39.72 6.36 6.80
C ASN A 742 41.06 5.73 6.48
N GLY A 743 41.06 4.49 5.98
CA GLY A 743 42.28 3.83 5.54
C GLY A 743 42.72 4.29 4.14
N GLU A 744 43.87 3.76 3.72
CA GLU A 744 44.73 4.37 2.72
C GLU A 744 43.98 4.60 1.41
N ASN A 745 43.26 3.61 0.91
CA ASN A 745 42.71 3.77 -0.43
C ASN A 745 41.18 3.77 -0.42
N GLY A 746 40.57 3.71 0.78
CA GLY A 746 39.16 3.36 0.93
C GLY A 746 38.30 4.59 1.16
N TRP A 747 37.36 4.46 2.12
CA TRP A 747 36.42 5.49 2.50
C TRP A 747 37.09 6.57 3.33
N THR A 748 36.77 7.83 3.06
CA THR A 748 37.10 8.92 3.97
C THR A 748 35.79 9.29 4.68
N ALA A 749 35.81 9.33 6.01
CA ALA A 749 34.58 9.53 6.74
C ALA A 749 34.78 10.55 7.85
N SER A 750 33.76 11.40 8.04
CA SER A 750 33.76 12.37 9.12
C SER A 750 33.65 11.66 10.46
N THR A 751 33.99 12.40 11.51
CA THR A 751 33.96 11.88 12.86
C THR A 751 32.49 11.75 13.25
N GLY A 752 32.13 10.61 13.87
CA GLY A 752 30.81 10.39 14.43
C GLY A 752 30.01 9.33 13.68
N ILE A 753 30.43 9.00 12.45
CA ILE A 753 29.84 7.92 11.67
C ILE A 753 30.03 6.56 12.33
N GLU A 754 28.94 5.80 12.44
CA GLU A 754 28.93 4.54 13.17
C GLU A 754 28.81 3.37 12.21
N VAL A 755 29.58 2.33 12.49
CA VAL A 755 29.45 1.06 11.80
C VAL A 755 28.70 0.13 12.74
N ILE A 756 27.66 -0.54 12.21
CA ILE A 756 26.78 -1.37 13.01
C ILE A 756 26.75 -2.78 12.46
N GLU A 757 26.86 -3.76 13.37
CA GLU A 757 26.87 -5.17 13.02
C GLU A 757 25.82 -5.87 13.88
N GLY A 758 25.09 -6.82 13.28
CA GLY A 758 24.17 -7.67 14.02
C GLY A 758 22.87 -6.97 14.39
N ASP A 759 22.34 -6.18 13.45
CA ASP A 759 21.15 -5.37 13.65
C ASP A 759 20.09 -5.68 12.60
N ALA A 760 18.89 -5.15 12.84
CA ALA A 760 17.75 -5.41 11.97
C ALA A 760 17.96 -4.77 10.60
N VAL A 761 17.35 -5.40 9.58
CA VAL A 761 17.17 -4.88 8.22
C VAL A 761 18.39 -5.22 7.36
N PHE A 762 19.59 -4.84 7.83
CA PHE A 762 20.84 -5.10 7.14
C PHE A 762 21.49 -6.39 7.63
N LYS A 763 21.90 -7.24 6.68
CA LYS A 763 22.64 -8.46 7.01
C LYS A 763 24.12 -8.10 7.05
N GLY A 764 24.78 -8.35 8.18
CA GLY A 764 26.18 -7.95 8.32
C GLY A 764 26.31 -6.51 8.78
N ARG A 765 27.12 -5.71 8.10
CA ARG A 765 27.54 -4.42 8.63
C ARG A 765 26.99 -3.32 7.75
N TYR A 766 26.66 -2.19 8.37
CA TYR A 766 26.16 -1.05 7.65
C TYR A 766 26.53 0.22 8.42
N LEU A 767 26.30 1.37 7.77
CA LEU A 767 26.66 2.68 8.29
C LEU A 767 25.42 3.42 8.77
N ARG A 768 25.55 4.04 9.95
CA ARG A 768 24.68 5.12 10.37
C ARG A 768 25.42 6.46 10.32
N LEU A 769 24.88 7.36 9.49
CA LEU A 769 25.31 8.74 9.37
C LEU A 769 24.46 9.59 10.27
N PRO A 770 25.04 10.28 11.27
CA PRO A 770 24.29 11.23 12.08
C PRO A 770 24.08 12.57 11.37
N GLY A 771 23.17 13.37 11.92
CA GLY A 771 22.98 14.74 11.48
C GLY A 771 24.26 15.58 11.56
N ALA A 772 24.17 16.77 10.98
CA ALA A 772 25.27 17.71 11.05
C ALA A 772 25.39 18.20 12.50
N ARG A 773 26.63 18.45 12.93
CA ARG A 773 26.93 18.81 14.31
C ARG A 773 26.91 20.33 14.44
N GLU A 774 26.10 20.84 15.37
CA GLU A 774 26.03 22.27 15.64
C GLU A 774 26.87 22.61 16.87
N ILE A 775 27.83 23.53 16.72
CA ILE A 775 28.55 24.12 17.84
C ILE A 775 28.60 25.64 17.65
N ASP A 776 27.72 26.35 18.38
CA ASP A 776 27.56 27.80 18.29
C ASP A 776 27.18 28.23 16.87
N THR A 777 28.10 28.98 16.25
CA THR A 777 27.90 29.62 14.96
C THR A 777 28.41 28.73 13.86
N GLU A 778 28.87 27.52 14.21
CA GLU A 778 29.42 26.61 13.23
C GLU A 778 28.53 25.38 13.18
N THR A 779 28.31 24.89 11.95
CA THR A 779 27.80 23.56 11.75
C THR A 779 28.85 22.78 10.96
N TYR A 780 29.02 21.51 11.31
CA TYR A 780 29.98 20.64 10.66
C TYR A 780 29.20 19.50 10.03
N PRO A 781 29.19 19.39 8.68
CA PRO A 781 28.38 18.38 8.01
C PRO A 781 28.93 16.98 8.17
N THR A 782 28.05 15.97 8.15
CA THR A 782 28.46 14.58 8.10
C THR A 782 28.79 14.30 6.63
N TYR A 783 29.91 13.60 6.36
CA TYR A 783 30.29 13.29 4.98
C TYR A 783 30.92 11.90 4.92
N LEU A 784 30.78 11.26 3.76
CA LEU A 784 31.46 10.01 3.49
C LEU A 784 31.78 9.92 2.00
N TYR A 785 33.04 9.64 1.63
CA TYR A 785 33.39 9.57 0.22
C TYR A 785 34.55 8.62 -0.08
N GLN A 786 34.65 8.29 -1.37
CA GLN A 786 35.72 7.48 -1.93
C GLN A 786 35.91 7.82 -3.40
N LYS A 787 37.17 7.66 -3.86
CA LYS A 787 37.55 7.82 -5.25
C LYS A 787 37.87 6.47 -5.86
N VAL A 788 37.39 6.25 -7.09
CA VAL A 788 37.66 5.08 -7.89
C VAL A 788 38.60 5.55 -8.98
N GLU A 789 39.75 4.88 -9.11
CA GLU A 789 40.86 5.42 -9.88
C GLU A 789 40.66 5.17 -11.37
N GLU A 790 41.26 6.03 -12.19
CA GLU A 790 41.09 5.97 -13.63
C GLU A 790 41.55 4.62 -14.18
N GLY A 791 42.33 3.83 -13.43
CA GLY A 791 43.05 2.69 -13.95
C GLY A 791 42.20 1.42 -14.03
N VAL A 792 41.12 1.36 -13.24
CA VAL A 792 40.16 0.26 -13.28
C VAL A 792 38.96 0.55 -14.18
N LEU A 793 38.93 1.70 -14.88
CA LEU A 793 37.75 2.10 -15.63
C LEU A 793 37.94 1.79 -17.11
N LYS A 794 36.86 1.96 -17.87
CA LYS A 794 36.90 1.76 -19.31
C LYS A 794 36.35 2.99 -20.02
N PRO A 795 36.81 3.30 -21.25
CA PRO A 795 36.21 4.40 -22.00
C PRO A 795 34.78 4.12 -22.46
N TYR A 796 33.99 5.21 -22.55
CA TYR A 796 32.67 5.20 -23.18
C TYR A 796 31.84 4.08 -22.58
N THR A 797 31.73 4.11 -21.25
CA THR A 797 31.12 3.03 -20.51
C THR A 797 30.25 3.64 -19.42
N ARG A 798 29.11 2.96 -19.20
CA ARG A 798 28.18 3.35 -18.15
C ARG A 798 28.45 2.50 -16.91
N TYR A 799 28.52 3.20 -15.79
CA TYR A 799 28.58 2.59 -14.47
C TYR A 799 27.32 2.96 -13.69
N ARG A 800 27.05 2.15 -12.67
CA ARG A 800 25.94 2.31 -11.76
C ARG A 800 26.43 2.29 -10.32
N LEU A 801 26.20 3.39 -9.61
CA LEU A 801 26.23 3.44 -8.16
C LEU A 801 24.87 2.98 -7.62
N ARG A 802 24.87 1.89 -6.85
CA ARG A 802 23.67 1.37 -6.19
C ARG A 802 23.89 1.21 -4.68
N GLY A 803 22.78 1.26 -3.95
CA GLY A 803 22.79 1.06 -2.51
C GLY A 803 21.38 0.90 -1.96
N PHE A 804 21.33 0.66 -0.65
CA PHE A 804 20.08 0.50 0.07
C PHE A 804 20.10 1.48 1.25
N VAL A 805 19.03 2.29 1.34
CA VAL A 805 18.78 3.18 2.46
C VAL A 805 17.66 2.63 3.32
N GLY A 806 17.99 2.36 4.60
CA GLY A 806 17.02 1.87 5.56
C GLY A 806 16.00 2.97 5.86
N SER A 807 16.53 4.16 6.14
CA SER A 807 15.75 5.38 6.23
C SER A 807 16.68 6.58 6.18
N SER A 808 16.13 7.77 5.86
CA SER A 808 16.98 8.94 5.71
C SER A 808 16.16 10.22 5.73
N GLN A 809 16.83 11.31 6.13
CA GLN A 809 16.32 12.67 5.97
C GLN A 809 17.51 13.54 5.61
N GLY A 810 17.41 14.20 4.45
CA GLY A 810 18.42 15.11 3.96
C GLY A 810 19.69 14.41 3.48
N LEU A 811 19.58 13.19 2.93
CA LEU A 811 20.74 12.44 2.49
C LEU A 811 21.07 12.89 1.08
N GLU A 812 22.24 13.55 0.94
CA GLU A 812 22.72 14.07 -0.33
C GLU A 812 23.67 13.06 -0.94
N ILE A 813 23.44 12.69 -2.20
CA ILE A 813 24.27 11.72 -2.86
C ILE A 813 24.91 12.39 -4.07
N TYR A 814 26.24 12.28 -4.18
CA TYR A 814 27.02 12.98 -5.19
C TYR A 814 27.71 11.96 -6.07
N THR A 815 27.72 12.24 -7.38
CA THR A 815 28.58 11.55 -8.32
C THR A 815 29.43 12.60 -9.01
N ILE A 816 30.76 12.36 -9.08
CA ILE A 816 31.67 13.33 -9.65
C ILE A 816 32.59 12.65 -10.65
N ARG A 817 32.68 13.23 -11.86
CA ARG A 817 33.73 12.84 -12.80
C ARG A 817 34.29 14.11 -13.42
N HIS A 818 33.60 14.62 -14.45
CA HIS A 818 33.85 15.95 -14.96
C HIS A 818 32.86 16.92 -14.32
N GLN A 819 31.58 16.59 -14.43
CA GLN A 819 30.52 17.36 -13.82
C GLN A 819 30.23 16.78 -12.43
N THR A 820 29.67 17.60 -11.55
CA THR A 820 29.17 17.14 -10.26
C THR A 820 27.64 17.13 -10.29
N ASN A 821 27.06 15.97 -9.97
CA ASN A 821 25.63 15.78 -9.84
C ASN A 821 25.25 15.38 -8.43
N ARG A 822 24.22 16.04 -7.92
CA ARG A 822 23.68 15.70 -6.62
C ARG A 822 22.19 15.39 -6.70
N ILE A 823 21.78 14.29 -6.06
CA ILE A 823 20.38 14.06 -5.72
C ILE A 823 20.21 13.97 -4.21
N VAL A 824 18.97 14.20 -3.75
CA VAL A 824 18.64 14.13 -2.32
C VAL A 824 17.56 13.08 -2.14
N LYS A 825 17.73 12.20 -1.13
CA LYS A 825 16.81 11.11 -0.86
C LYS A 825 16.29 11.21 0.57
N ASN A 826 14.96 11.36 0.72
CA ASN A 826 14.28 11.20 2.00
C ASN A 826 13.48 9.89 2.01
N VAL A 827 13.94 8.93 2.80
CA VAL A 827 13.36 7.61 2.80
C VAL A 827 12.64 7.33 4.12
N PRO A 828 11.34 6.96 4.12
CA PRO A 828 10.60 6.74 5.37
C PRO A 828 11.13 5.52 6.14
N ASP A 829 10.85 5.49 7.43
CA ASP A 829 11.30 4.42 8.30
C ASP A 829 10.22 3.34 8.38
N ASP A 830 9.97 2.63 7.27
CA ASP A 830 8.77 1.82 7.12
C ASP A 830 9.05 0.32 7.11
N LEU A 831 10.30 -0.12 7.34
CA LEU A 831 10.68 -1.52 7.18
C LEU A 831 10.68 -2.29 8.50
N LEU A 832 10.39 -1.62 9.61
CA LEU A 832 10.27 -2.32 10.88
C LEU A 832 8.79 -2.38 11.25
N PRO A 833 8.23 -3.53 11.71
CA PRO A 833 6.86 -3.53 12.23
C PRO A 833 6.76 -2.66 13.49
N ASP A 834 5.56 -2.09 13.72
CA ASP A 834 5.29 -1.25 14.87
C ASP A 834 5.00 -2.11 16.11
N VAL A 835 4.07 -3.07 15.93
CA VAL A 835 3.92 -4.19 16.85
C VAL A 835 5.31 -4.79 17.07
N PRO A 836 5.86 -4.78 18.31
CA PRO A 836 7.14 -5.45 18.57
C PRO A 836 6.88 -6.96 18.58
N PRO A 837 7.39 -7.74 17.58
CA PRO A 837 7.19 -9.18 17.53
C PRO A 837 8.43 -10.04 17.85
N VAL A 838 9.47 -9.40 18.39
CA VAL A 838 10.72 -10.06 18.76
C VAL A 838 10.52 -10.84 20.05
N ASN A 839 10.00 -10.16 21.09
CA ASN A 839 9.54 -10.78 22.32
C ASN A 839 10.72 -11.04 23.25
N ASN A 840 10.54 -12.01 24.17
CA ASN A 840 11.60 -12.59 24.98
C ASN A 840 12.67 -13.22 24.08
N ASP A 841 12.25 -13.93 23.02
CA ASP A 841 13.17 -14.43 22.01
C ASP A 841 13.80 -13.23 21.31
N GLY A 842 14.71 -12.56 22.03
CA GLY A 842 15.24 -11.26 21.64
C GLY A 842 16.01 -11.29 20.31
N ARG A 843 16.35 -12.50 19.83
CA ARG A 843 17.24 -12.67 18.69
C ARG A 843 16.56 -12.24 17.39
N ILE A 844 17.41 -11.93 16.41
CA ILE A 844 16.98 -11.60 15.07
C ILE A 844 16.79 -12.90 14.29
N ASN A 845 15.64 -12.95 13.58
CA ASN A 845 15.30 -14.04 12.68
C ASN A 845 15.19 -13.48 11.27
N ARG A 846 16.21 -13.77 10.45
CA ARG A 846 16.37 -13.19 9.13
C ARG A 846 15.25 -13.64 8.18
N CYS A 847 14.69 -14.84 8.40
CA CYS A 847 13.62 -15.35 7.55
C CYS A 847 12.36 -14.51 7.70
N SER A 848 11.84 -14.38 8.93
CA SER A 848 10.64 -13.59 9.16
C SER A 848 10.89 -12.10 8.87
N GLU A 849 12.07 -11.60 9.23
CA GLU A 849 12.37 -10.21 8.94
C GLU A 849 12.29 -9.93 7.43
N GLN A 850 12.87 -10.82 6.61
CA GLN A 850 12.93 -10.57 5.18
C GLN A 850 11.57 -10.74 4.53
N LYS A 851 10.73 -11.61 5.09
CA LYS A 851 9.36 -11.73 4.64
C LYS A 851 8.60 -10.42 4.87
N TYR A 852 8.77 -9.78 6.04
CA TYR A 852 8.11 -8.51 6.30
C TYR A 852 8.64 -7.42 5.35
N VAL A 853 9.96 -7.29 5.21
CA VAL A 853 10.56 -6.21 4.43
C VAL A 853 10.11 -6.30 2.97
N ASN A 854 10.08 -7.52 2.42
CA ASN A 854 9.68 -7.77 1.05
C ASN A 854 8.27 -7.25 0.76
N SER A 855 7.36 -7.38 1.74
CA SER A 855 5.99 -6.91 1.59
C SER A 855 5.93 -5.38 1.53
N ARG A 856 7.05 -4.70 1.82
CA ARG A 856 7.15 -3.25 1.82
C ARG A 856 7.99 -2.72 0.66
N LEU A 857 8.82 -3.55 0.01
CA LEU A 857 9.53 -3.11 -1.19
C LEU A 857 8.64 -3.32 -2.42
N GLU A 858 7.72 -4.29 -2.30
CA GLU A 858 6.67 -4.58 -3.27
C GLU A 858 6.20 -3.31 -3.97
N VAL A 859 5.90 -2.26 -3.18
CA VAL A 859 5.53 -0.95 -3.74
C VAL A 859 6.64 -0.54 -4.70
N GLU A 860 6.26 -0.41 -5.98
CA GLU A 860 7.19 -0.22 -7.09
C GLU A 860 7.53 1.27 -7.21
N ASN A 861 8.41 1.74 -6.31
CA ASN A 861 8.92 3.09 -6.35
C ASN A 861 10.24 3.08 -7.11
N ARG A 862 10.52 4.17 -7.85
CA ARG A 862 11.90 4.55 -8.15
C ARG A 862 12.13 6.01 -7.80
N SER A 863 11.12 6.66 -7.18
CA SER A 863 11.17 8.02 -6.67
C SER A 863 12.37 8.22 -5.74
N GLY A 864 12.55 9.48 -5.27
CA GLY A 864 13.54 9.78 -4.26
C GLY A 864 13.22 9.13 -2.90
N GLU A 865 11.99 8.63 -2.73
CA GLU A 865 11.53 8.06 -1.46
C GLU A 865 11.83 6.56 -1.35
N ALA A 866 12.21 5.92 -2.47
CA ALA A 866 12.47 4.48 -2.50
C ALA A 866 13.73 4.11 -1.69
N HIS A 867 13.79 2.86 -1.22
CA HIS A 867 14.91 2.41 -0.39
C HIS A 867 16.14 2.09 -1.24
N GLU A 868 15.89 1.47 -2.40
N GLU A 868 15.94 1.43 -2.40
CA GLU A 868 16.93 1.25 -3.38
CA GLU A 868 17.02 1.16 -3.34
C GLU A 868 17.26 2.60 -4.04
C GLU A 868 17.21 2.37 -4.26
N PHE A 869 18.46 2.70 -4.58
CA PHE A 869 18.79 3.73 -5.57
C PHE A 869 19.81 3.14 -6.54
N SER A 870 19.85 3.71 -7.74
CA SER A 870 20.71 3.27 -8.83
C SER A 870 20.98 4.46 -9.75
N ILE A 871 22.20 4.97 -9.72
CA ILE A 871 22.56 6.23 -10.35
C ILE A 871 23.59 5.97 -11.44
N PRO A 872 23.33 6.41 -12.69
CA PRO A 872 24.30 6.25 -13.77
C PRO A 872 25.46 7.25 -13.71
N ILE A 873 26.67 6.77 -14.04
CA ILE A 873 27.85 7.62 -14.23
C ILE A 873 28.58 7.13 -15.46
N ASP A 874 28.82 8.05 -16.40
CA ASP A 874 29.34 7.70 -17.71
C ASP A 874 30.74 8.23 -17.93
N THR A 875 31.59 7.41 -18.56
CA THR A 875 32.92 7.87 -18.93
C THR A 875 32.92 8.21 -20.40
N GLY A 876 33.77 9.19 -20.76
CA GLY A 876 34.23 9.38 -22.12
C GLY A 876 35.59 8.71 -22.34
N GLU A 877 36.52 9.45 -22.97
CA GLU A 877 37.90 9.04 -23.07
C GLU A 877 38.54 9.02 -21.70
N LEU A 878 39.50 8.13 -21.51
CA LEU A 878 40.27 8.08 -20.27
C LEU A 878 41.54 8.91 -20.43
N ASP A 879 41.98 9.49 -19.32
CA ASP A 879 43.24 10.20 -19.24
C ASP A 879 43.92 9.77 -17.95
N TYR A 880 45.11 9.15 -18.06
CA TYR A 880 45.86 8.70 -16.91
C TYR A 880 46.64 9.86 -16.30
N ASN A 881 46.94 10.91 -17.08
CA ASN A 881 47.63 12.06 -16.53
C ASN A 881 46.69 12.86 -15.59
N GLU A 882 45.47 13.14 -16.06
CA GLU A 882 44.54 14.03 -15.37
C GLU A 882 43.88 13.29 -14.21
N ASN A 883 43.61 12.00 -14.44
CA ASN A 883 43.17 11.02 -13.46
C ASN A 883 41.95 11.48 -12.66
N ALA A 884 40.87 11.82 -13.36
CA ALA A 884 39.67 12.34 -12.73
C ALA A 884 38.99 11.22 -11.97
N GLY A 885 38.97 10.03 -12.56
CA GLY A 885 38.30 8.91 -11.93
C GLY A 885 36.79 9.18 -11.78
N ILE A 886 36.23 8.56 -10.73
CA ILE A 886 34.86 8.76 -10.30
C ILE A 886 34.89 8.92 -8.79
N TRP A 887 34.35 10.01 -8.27
CA TRP A 887 34.08 10.11 -6.85
C TRP A 887 32.61 9.81 -6.60
N VAL A 888 32.35 9.13 -5.49
CA VAL A 888 31.00 8.92 -5.01
C VAL A 888 30.99 9.42 -3.58
N GLY A 889 29.94 10.12 -3.18
CA GLY A 889 29.97 10.84 -1.93
C GLY A 889 28.60 10.92 -1.29
N PHE A 890 28.58 11.02 0.04
CA PHE A 890 27.34 11.17 0.77
C PHE A 890 27.49 12.27 1.79
N LYS A 891 26.45 13.07 1.99
CA LYS A 891 26.60 14.17 2.92
C LYS A 891 25.27 14.50 3.57
N ILE A 892 25.33 14.94 4.82
CA ILE A 892 24.18 15.44 5.53
C ILE A 892 24.58 16.81 6.07
N THR A 893 23.84 17.85 5.67
CA THR A 893 24.12 19.19 6.16
C THR A 893 23.04 19.59 7.15
N ASP A 894 21.94 18.82 7.24
CA ASP A 894 20.86 19.17 8.16
C ASP A 894 21.19 18.62 9.54
N PRO A 895 21.17 19.44 10.62
CA PRO A 895 21.29 18.94 12.00
C PRO A 895 20.24 17.93 12.44
N GLU A 896 19.09 17.89 11.76
CA GLU A 896 18.03 16.94 12.06
C GLU A 896 18.06 15.79 11.05
N GLY A 897 19.10 15.78 10.22
CA GLY A 897 19.22 14.77 9.19
C GLY A 897 19.79 13.50 9.78
N TYR A 898 19.78 12.42 8.98
CA TYR A 898 20.35 11.12 9.32
C TYR A 898 20.21 10.22 8.10
N ALA A 899 20.88 9.07 8.13
CA ALA A 899 20.67 8.02 7.16
C ALA A 899 21.28 6.72 7.68
N THR A 900 20.68 5.60 7.28
CA THR A 900 21.31 4.30 7.35
C THR A 900 21.56 3.84 5.93
N LEU A 901 22.74 3.26 5.70
CA LEU A 901 23.26 3.02 4.37
C LEU A 901 23.98 1.68 4.35
N GLY A 902 23.68 0.84 3.35
CA GLY A 902 24.31 -0.45 3.19
C GLY A 902 24.32 -0.91 1.72
N ASN A 903 25.03 -2.02 1.44
CA ASN A 903 25.01 -2.69 0.16
C ASN A 903 25.40 -1.72 -0.98
N LEU A 904 26.49 -0.97 -0.75
CA LEU A 904 26.97 0.00 -1.71
C LEU A 904 27.86 -0.70 -2.74
N GLU A 905 27.63 -0.33 -3.99
CA GLU A 905 28.40 -0.92 -5.07
C GLU A 905 28.52 0.08 -6.20
N LEU A 906 29.63 -0.06 -6.94
CA LEU A 906 29.74 0.59 -8.23
C LEU A 906 30.03 -0.50 -9.25
N VAL A 907 29.17 -0.65 -10.24
CA VAL A 907 29.31 -1.76 -11.15
C VAL A 907 29.33 -1.18 -12.56
N GLU A 908 30.07 -1.86 -13.44
CA GLU A 908 29.96 -1.67 -14.87
C GLU A 908 28.62 -2.22 -15.35
N GLU A 909 27.88 -1.42 -16.13
CA GLU A 909 26.66 -1.89 -16.76
C GLU A 909 27.04 -2.29 -18.18
N GLY A 910 27.77 -1.42 -18.90
CA GLY A 910 28.21 -1.76 -20.23
C GLY A 910 28.44 -0.53 -21.11
N PRO A 911 28.68 -0.75 -22.42
CA PRO A 911 29.03 0.34 -23.33
C PRO A 911 27.90 1.35 -23.56
N LEU A 912 28.30 2.60 -23.83
CA LEU A 912 27.36 3.67 -24.15
C LEU A 912 27.02 3.61 -25.63
N SER A 913 25.73 3.83 -25.90
CA SER A 913 25.22 3.97 -27.25
C SER A 913 24.04 4.94 -27.27
N GLY A 914 23.65 5.33 -28.49
CA GLY A 914 22.46 6.10 -28.75
C GLY A 914 22.48 7.46 -28.05
N ASP A 915 21.38 7.73 -27.34
CA ASP A 915 21.12 9.04 -26.78
C ASP A 915 22.08 9.27 -25.61
N ALA A 916 22.37 8.22 -24.84
CA ALA A 916 23.31 8.35 -23.72
C ALA A 916 24.68 8.83 -24.22
N LEU A 917 25.13 8.29 -25.36
CA LEU A 917 26.42 8.63 -25.94
C LEU A 917 26.43 10.05 -26.50
N GLU A 918 25.34 10.48 -27.19
CA GLU A 918 25.28 11.82 -27.73
C GLU A 918 25.34 12.85 -26.59
N ARG A 919 24.56 12.60 -25.53
CA ARG A 919 24.54 13.46 -24.37
C ARG A 919 25.93 13.61 -23.76
N LEU A 920 26.65 12.48 -23.60
CA LEU A 920 27.97 12.51 -22.99
C LEU A 920 28.97 13.29 -23.86
N GLN A 921 28.98 13.05 -25.17
CA GLN A 921 29.90 13.75 -26.06
C GLN A 921 29.69 15.26 -26.00
N LYS A 922 28.45 15.71 -25.82
CA LYS A 922 28.19 17.12 -25.64
C LYS A 922 28.75 17.61 -24.30
N GLU A 923 28.52 16.85 -23.22
CA GLU A 923 29.03 17.22 -21.90
C GLU A 923 30.54 17.34 -21.95
N GLU A 924 31.21 16.36 -22.59
CA GLU A 924 32.66 16.29 -22.64
C GLU A 924 33.22 17.47 -23.42
N GLN A 925 32.61 17.78 -24.56
CA GLN A 925 33.05 18.91 -25.34
C GLN A 925 32.96 20.18 -24.51
N GLN A 926 31.85 20.37 -23.78
CA GLN A 926 31.62 21.61 -23.06
C GLN A 926 32.66 21.76 -21.94
N TRP A 927 33.01 20.63 -21.31
CA TRP A 927 33.96 20.57 -20.22
C TRP A 927 35.38 20.85 -20.73
N LYS A 928 35.75 20.34 -21.92
CA LYS A 928 37.10 20.58 -22.43
C LYS A 928 37.32 22.09 -22.60
N ILE A 929 36.28 22.76 -23.13
CA ILE A 929 36.38 24.17 -23.45
C ILE A 929 36.44 24.98 -22.17
N GLN A 930 35.75 24.50 -21.12
CA GLN A 930 35.67 25.24 -19.87
C GLN A 930 36.94 25.06 -19.04
N MET A 931 37.54 23.88 -19.15
CA MET A 931 38.81 23.61 -18.51
C MET A 931 39.87 24.57 -19.05
N THR A 932 39.82 24.87 -20.35
CA THR A 932 40.86 25.67 -20.97
C THR A 932 40.94 27.04 -20.30
N ARG A 933 39.78 27.64 -20.02
CA ARG A 933 39.68 28.91 -19.29
C ARG A 933 40.15 28.77 -17.85
N ARG A 934 39.98 27.58 -17.24
CA ARG A 934 40.40 27.37 -15.87
C ARG A 934 41.92 27.16 -15.76
N ARG A 935 42.55 26.47 -16.69
CA ARG A 935 44.00 26.38 -16.73
C ARG A 935 44.63 27.76 -16.97
N GLU A 936 43.99 28.62 -17.80
CA GLU A 936 44.51 29.96 -18.02
C GLU A 936 44.54 30.76 -16.71
N GLU A 937 43.43 30.76 -15.96
CA GLU A 937 43.32 31.41 -14.66
C GLU A 937 44.27 30.82 -13.62
N THR A 938 44.40 29.50 -13.56
CA THR A 938 45.29 28.85 -12.62
C THR A 938 46.75 29.27 -12.84
N ASP A 939 47.21 29.36 -14.09
CA ASP A 939 48.64 29.53 -14.34
C ASP A 939 49.13 30.90 -13.86
N ARG A 940 48.34 31.98 -14.06
CA ARG A 940 48.68 33.28 -13.52
C ARG A 940 48.93 33.19 -12.01
N ARG A 941 47.93 32.70 -11.29
CA ARG A 941 47.94 32.67 -9.85
C ARG A 941 49.00 31.73 -9.33
N TYR A 942 49.14 30.57 -9.98
CA TYR A 942 50.12 29.58 -9.55
C TYR A 942 51.54 30.12 -9.70
N MET A 943 51.86 30.76 -10.83
CA MET A 943 53.22 31.21 -11.06
C MET A 943 53.61 32.32 -10.09
N ALA A 944 52.68 33.23 -9.78
CA ALA A 944 52.95 34.29 -8.80
C ALA A 944 53.13 33.74 -7.39
N SER A 945 52.41 32.66 -7.04
CA SER A 945 52.56 32.01 -5.75
C SER A 945 53.90 31.31 -5.67
N LYS A 946 54.29 30.65 -6.78
CA LYS A 946 55.51 29.85 -6.80
C LYS A 946 56.73 30.76 -6.61
N GLN A 947 56.74 31.91 -7.27
CA GLN A 947 57.87 32.85 -7.18
C GLN A 947 57.95 33.47 -5.79
N ALA A 948 56.78 33.71 -5.16
CA ALA A 948 56.77 34.34 -3.85
C ALA A 948 57.33 33.38 -2.80
N VAL A 949 57.24 32.07 -3.04
CA VAL A 949 57.77 31.08 -2.13
C VAL A 949 59.24 30.83 -2.44
N ASP A 950 59.58 30.79 -3.72
CA ASP A 950 60.96 30.56 -4.13
C ASP A 950 61.87 31.65 -3.55
N ARG A 951 61.43 32.92 -3.59
CA ARG A 951 62.28 34.04 -3.21
C ARG A 951 62.60 34.02 -1.71
N LEU A 952 61.90 33.18 -0.94
CA LEU A 952 62.11 33.04 0.49
C LEU A 952 63.39 32.26 0.81
N TYR A 953 63.88 31.44 -0.14
CA TYR A 953 65.01 30.56 0.11
C TYR A 953 66.27 31.03 -0.62
N ALA A 954 67.44 30.74 -0.05
CA ALA A 954 68.73 30.98 -0.70
C ALA A 954 69.12 29.80 -1.60
N ASP A 955 69.15 28.59 -1.03
CA ASP A 955 69.40 27.35 -1.74
C ASP A 955 68.17 26.99 -2.58
N TYR A 956 68.20 25.82 -3.23
CA TYR A 956 67.10 25.35 -4.07
C TYR A 956 66.61 23.97 -3.61
N GLN A 957 67.06 23.53 -2.41
CA GLN A 957 66.47 22.40 -1.69
C GLN A 957 65.64 22.89 -0.50
N ASP A 958 65.17 24.15 -0.55
CA ASP A 958 64.40 24.72 0.53
C ASP A 958 64.97 24.38 1.91
N GLN A 959 66.30 24.47 2.09
CA GLN A 959 66.88 24.09 3.37
C GLN A 959 67.48 25.30 4.08
N GLN A 960 67.50 26.47 3.43
CA GLN A 960 68.10 27.68 3.99
C GLN A 960 67.31 28.93 3.60
N LEU A 961 66.93 29.70 4.61
CA LEU A 961 66.17 30.92 4.42
C LEU A 961 67.10 32.06 4.01
N ASN A 962 66.63 32.95 3.13
CA ASN A 962 67.36 34.18 2.86
C ASN A 962 67.35 35.08 4.09
N PRO A 963 68.47 35.78 4.38
CA PRO A 963 68.60 36.59 5.59
C PRO A 963 67.60 37.74 5.60
N ASN A 964 67.24 38.23 4.42
CA ASN A 964 66.36 39.37 4.29
C ASN A 964 64.89 39.01 4.55
N VAL A 965 64.49 37.73 4.56
CA VAL A 965 63.06 37.49 4.63
C VAL A 965 62.57 37.97 5.99
N GLU A 966 61.43 38.67 5.97
CA GLU A 966 60.78 39.14 7.17
C GLU A 966 59.37 38.56 7.25
N ILE A 967 58.66 38.85 8.34
CA ILE A 967 57.32 38.31 8.51
C ILE A 967 56.41 38.71 7.34
N THR A 968 56.66 39.87 6.71
CA THR A 968 55.80 40.38 5.64
C THR A 968 56.00 39.59 4.33
N ASP A 969 57.19 39.02 4.11
CA ASP A 969 57.43 38.12 2.99
C ASP A 969 56.61 36.83 3.18
N LEU A 970 56.54 36.33 4.40
CA LEU A 970 55.77 35.13 4.71
C LEU A 970 54.28 35.35 4.52
N THR A 971 53.72 36.51 4.90
CA THR A 971 52.27 36.74 4.83
C THR A 971 51.89 37.06 3.39
N ALA A 972 52.81 37.71 2.65
CA ALA A 972 52.61 37.99 1.24
C ALA A 972 52.52 36.68 0.45
N ALA A 973 53.35 35.71 0.82
CA ALA A 973 53.32 34.40 0.20
C ALA A 973 51.97 33.76 0.45
N GLN A 974 51.48 33.87 1.69
CA GLN A 974 50.27 33.18 2.12
C GLN A 974 49.02 33.75 1.42
N ASP A 975 48.97 35.07 1.30
CA ASP A 975 47.90 35.76 0.57
C ASP A 975 47.81 35.22 -0.86
N LEU A 976 48.95 34.97 -1.50
CA LEU A 976 48.98 34.58 -2.90
C LEU A 976 48.56 33.12 -3.04
N ILE A 977 49.00 32.25 -2.12
CA ILE A 977 48.67 30.84 -2.17
C ILE A 977 47.16 30.68 -1.96
N GLN A 978 46.58 31.52 -1.11
CA GLN A 978 45.16 31.49 -0.81
C GLN A 978 44.34 31.97 -2.01
N SER A 979 44.93 32.67 -2.98
CA SER A 979 44.17 33.22 -4.09
C SER A 979 44.11 32.26 -5.28
N ILE A 980 44.73 31.08 -5.15
CA ILE A 980 44.67 30.06 -6.20
C ILE A 980 43.25 29.52 -6.23
N PRO A 981 42.59 29.51 -7.38
CA PRO A 981 41.22 28.99 -7.46
C PRO A 981 41.13 27.49 -7.72
N TYR A 982 39.92 26.92 -7.54
CA TYR A 982 39.58 25.54 -7.88
C TYR A 982 40.46 24.54 -7.13
N VAL A 983 40.67 24.79 -5.83
CA VAL A 983 41.45 23.91 -4.97
C VAL A 983 40.58 22.75 -4.49
N TYR A 984 39.32 23.09 -4.18
CA TYR A 984 38.30 22.15 -3.73
C TYR A 984 37.10 22.19 -4.66
N ASN A 985 36.37 21.07 -4.74
CA ASN A 985 35.18 20.94 -5.54
C ASN A 985 34.16 21.94 -5.01
N GLU A 986 33.47 22.65 -5.91
CA GLU A 986 32.62 23.78 -5.58
C GLU A 986 31.39 23.33 -4.80
N MET A 987 30.82 22.16 -5.17
CA MET A 987 29.59 21.67 -4.56
C MET A 987 29.85 20.87 -3.29
N PHE A 988 31.02 20.23 -3.20
CA PHE A 988 31.39 19.28 -2.15
C PHE A 988 32.81 19.63 -1.72
N PRO A 989 32.98 20.68 -0.88
CA PRO A 989 34.28 21.30 -0.65
C PRO A 989 35.32 20.43 0.04
N GLU A 990 34.85 19.38 0.74
CA GLU A 990 35.73 18.44 1.40
C GLU A 990 36.53 17.65 0.36
N ILE A 991 36.04 17.58 -0.87
CA ILE A 991 36.69 16.79 -1.91
C ILE A 991 37.66 17.67 -2.72
N PRO A 992 38.87 17.17 -3.04
CA PRO A 992 39.86 17.94 -3.80
C PRO A 992 39.38 18.32 -5.19
N GLY A 993 39.73 19.54 -5.60
CA GLY A 993 39.55 20.00 -6.95
C GLY A 993 40.85 19.91 -7.74
N MET A 994 40.86 20.53 -8.92
CA MET A 994 41.91 20.33 -9.91
C MET A 994 43.25 20.84 -9.39
N ASN A 995 43.23 21.83 -8.47
CA ASN A 995 44.43 22.57 -8.09
C ASN A 995 44.89 22.21 -6.68
N TYR A 996 44.33 21.13 -6.16
CA TYR A 996 44.58 20.75 -4.78
C TYR A 996 46.06 20.50 -4.55
N THR A 997 46.68 19.76 -5.48
CA THR A 997 48.07 19.35 -5.39
C THR A 997 49.00 20.57 -5.40
N LYS A 998 48.71 21.52 -6.29
CA LYS A 998 49.42 22.80 -6.34
C LYS A 998 49.32 23.53 -5.01
N PHE A 999 48.09 23.68 -4.48
CA PHE A 999 47.90 24.36 -3.21
C PHE A 999 48.69 23.73 -2.08
N THR A 1000 48.66 22.39 -2.00
CA THR A 1000 49.24 21.65 -0.87
C THR A 1000 50.77 21.71 -0.92
N GLU A 1001 51.32 21.51 -2.12
CA GLU A 1001 52.75 21.63 -2.35
C GLU A 1001 53.28 22.97 -1.82
N LEU A 1002 52.66 24.08 -2.24
CA LEU A 1002 53.13 25.40 -1.89
C LEU A 1002 52.98 25.64 -0.39
N THR A 1003 51.84 25.25 0.18
CA THR A 1003 51.58 25.41 1.60
C THR A 1003 52.67 24.71 2.42
N ASP A 1004 53.09 23.51 2.01
CA ASP A 1004 54.11 22.79 2.77
C ASP A 1004 55.43 23.54 2.71
N ARG A 1005 55.74 24.12 1.55
CA ARG A 1005 57.01 24.80 1.37
C ARG A 1005 57.02 26.10 2.18
N LEU A 1006 55.83 26.74 2.27
CA LEU A 1006 55.64 27.94 3.07
C LEU A 1006 55.78 27.62 4.56
N GLN A 1007 55.20 26.51 5.01
CA GLN A 1007 55.25 26.18 6.43
C GLN A 1007 56.67 25.82 6.84
N GLN A 1008 57.40 25.18 5.91
CA GLN A 1008 58.81 24.91 6.06
C GLN A 1008 59.58 26.22 6.31
N ALA A 1009 59.35 27.21 5.44
CA ALA A 1009 60.08 28.47 5.53
C ALA A 1009 59.72 29.15 6.85
N TRP A 1010 58.45 29.06 7.27
CA TRP A 1010 58.01 29.71 8.49
C TRP A 1010 58.66 28.99 9.66
N GLY A 1011 58.79 27.68 9.52
CA GLY A 1011 59.48 26.89 10.53
C GLY A 1011 60.90 27.41 10.73
N LEU A 1012 61.61 27.64 9.62
CA LEU A 1012 62.99 28.11 9.68
C LEU A 1012 63.06 29.50 10.31
N TYR A 1013 62.08 30.36 9.98
CA TYR A 1013 61.99 31.71 10.50
C TYR A 1013 61.97 31.66 12.03
N ASP A 1014 61.08 30.85 12.61
CA ASP A 1014 61.01 30.68 14.06
C ASP A 1014 62.31 30.12 14.65
N GLN A 1015 63.02 29.24 13.94
CA GLN A 1015 64.27 28.68 14.44
C GLN A 1015 65.36 29.75 14.56
N ARG A 1016 65.43 30.65 13.57
CA ARG A 1016 66.46 31.66 13.45
C ARG A 1016 66.28 32.74 14.53
N ASN A 1017 65.02 33.06 14.83
CA ASN A 1017 64.64 34.10 15.77
C ASN A 1017 65.05 33.69 17.18
N ALA A 1018 65.81 34.57 17.85
CA ALA A 1018 66.32 34.31 19.18
C ALA A 1018 65.25 34.67 20.22
N ILE A 1019 64.26 35.48 19.83
CA ILE A 1019 63.13 35.74 20.71
C ILE A 1019 62.17 34.57 20.62
N PRO A 1020 62.02 33.75 21.69
CA PRO A 1020 61.05 32.67 21.69
C PRO A 1020 59.64 33.17 21.38
N ASN A 1021 59.02 32.53 20.38
CA ASN A 1021 57.64 32.80 20.00
C ASN A 1021 57.46 34.28 19.70
N GLY A 1022 58.41 34.86 18.95
CA GLY A 1022 58.38 36.26 18.57
C GLY A 1022 57.29 36.64 17.57
N ASP A 1023 56.71 35.68 16.82
CA ASP A 1023 55.65 35.89 15.85
C ASP A 1023 54.29 35.40 16.38
N TYR A 1024 54.25 35.00 17.66
CA TYR A 1024 53.01 34.69 18.38
C TYR A 1024 52.25 33.52 17.76
N ARG A 1025 52.96 32.62 17.08
CA ARG A 1025 52.31 31.45 16.51
C ARG A 1025 51.92 30.44 17.60
N ASN A 1026 52.50 30.57 18.80
CA ASN A 1026 52.12 29.76 19.95
C ASN A 1026 51.35 30.61 20.96
N GLU A 1027 50.41 31.42 20.47
CA GLU A 1027 49.63 32.33 21.30
C GLU A 1027 50.58 33.14 22.19
N LEU A 1028 50.40 33.06 23.52
CA LEU A 1028 51.17 33.87 24.47
C LEU A 1028 52.23 33.06 25.20
N SER A 1029 52.54 31.83 24.75
CA SER A 1029 53.64 31.09 25.33
C SER A 1029 54.90 31.96 25.39
N ASN A 1030 55.57 31.92 26.57
CA ASN A 1030 56.89 32.45 26.87
C ASN A 1030 56.84 33.95 27.24
N TRP A 1031 55.65 34.57 27.12
CA TRP A 1031 55.45 35.99 27.36
C TRP A 1031 54.80 36.24 28.71
N ASN A 1032 55.27 37.24 29.47
CA ASN A 1032 54.54 37.73 30.62
C ASN A 1032 53.62 38.85 30.15
N THR A 1033 52.34 38.70 30.46
CA THR A 1033 51.31 39.63 30.03
C THR A 1033 50.43 39.99 31.22
N THR A 1034 49.86 41.19 31.16
CA THR A 1034 48.70 41.58 31.93
C THR A 1034 47.48 40.94 31.28
N SER A 1035 46.33 41.02 31.96
CA SER A 1035 45.18 40.15 31.71
C SER A 1035 44.44 40.52 30.41
N GLY A 1036 44.55 41.78 29.96
CA GLY A 1036 43.81 42.30 28.82
C GLY A 1036 44.46 42.02 27.46
N VAL A 1037 45.76 41.71 27.47
CA VAL A 1037 46.51 41.41 26.26
C VAL A 1037 46.01 40.12 25.62
N ASN A 1038 45.91 40.11 24.27
CA ASN A 1038 45.47 38.92 23.55
C ASN A 1038 46.16 38.82 22.17
N VAL A 1039 46.05 37.63 21.56
CA VAL A 1039 46.50 37.36 20.20
C VAL A 1039 45.25 37.17 19.32
N GLN A 1040 45.12 38.02 18.28
CA GLN A 1040 44.04 37.85 17.32
C GLN A 1040 44.57 37.28 16.01
N GLN A 1041 43.72 36.53 15.31
CA GLN A 1041 43.97 36.13 13.94
C GLN A 1041 43.49 37.25 13.01
N ILE A 1042 44.41 37.91 12.30
CA ILE A 1042 44.05 38.93 11.34
C ILE A 1042 44.74 38.62 10.01
N ASN A 1043 43.93 38.37 8.97
CA ASN A 1043 44.41 37.89 7.69
C ASN A 1043 45.19 36.59 7.83
N HIS A 1044 44.64 35.65 8.62
CA HIS A 1044 45.20 34.31 8.69
C HIS A 1044 46.57 34.34 9.35
N THR A 1045 46.88 35.39 10.11
CA THR A 1045 48.14 35.39 10.84
C THR A 1045 47.99 35.98 12.23
N SER A 1046 48.86 35.52 13.12
CA SER A 1046 48.80 35.82 14.54
C SER A 1046 49.30 37.23 14.82
N VAL A 1047 48.49 38.03 15.53
CA VAL A 1047 48.99 39.31 16.01
C VAL A 1047 48.62 39.61 17.46
N LEU A 1048 49.63 40.14 18.16
CA LEU A 1048 49.50 40.54 19.55
C LEU A 1048 48.83 41.91 19.60
N VAL A 1049 47.83 42.02 20.48
CA VAL A 1049 47.06 43.25 20.62
C VAL A 1049 47.25 43.74 22.05
N ILE A 1050 47.62 45.04 22.12
CA ILE A 1050 47.73 45.79 23.36
C ILE A 1050 46.62 46.82 23.33
N PRO A 1051 45.50 46.55 24.03
CA PRO A 1051 44.27 47.33 23.87
C PRO A 1051 44.11 48.59 24.71
N ASN A 1052 45.00 48.77 25.69
CA ASN A 1052 44.92 49.89 26.61
C ASN A 1052 46.29 50.11 27.24
N TRP A 1053 46.50 51.33 27.75
CA TRP A 1053 47.84 51.78 28.08
C TRP A 1053 48.36 51.19 29.39
N ASN A 1054 47.45 50.64 30.22
CA ASN A 1054 47.86 50.05 31.47
C ASN A 1054 48.26 48.59 31.28
N GLU A 1055 48.23 48.08 30.03
CA GLU A 1055 48.59 46.71 29.69
C GLU A 1055 50.03 46.68 29.18
N GLN A 1056 50.74 45.57 29.47
CA GLN A 1056 52.11 45.41 29.04
C GLN A 1056 52.49 43.95 28.86
N VAL A 1057 53.59 43.75 28.11
CA VAL A 1057 54.14 42.45 27.77
C VAL A 1057 55.66 42.50 27.93
N SER A 1058 56.27 41.39 28.37
CA SER A 1058 57.72 41.28 28.42
C SER A 1058 58.18 39.83 28.42
N GLN A 1059 59.47 39.64 28.10
CA GLN A 1059 60.09 38.34 28.16
C GLN A 1059 61.59 38.48 28.44
N LYS A 1060 62.10 37.61 29.31
CA LYS A 1060 63.54 37.41 29.48
C LYS A 1060 63.97 36.16 28.70
N PHE A 1061 65.04 36.26 27.92
CA PHE A 1061 65.50 35.13 27.16
C PHE A 1061 67.02 35.16 27.04
N THR A 1062 67.64 34.03 26.71
CA THR A 1062 69.09 33.97 26.69
C THR A 1062 69.56 34.21 25.26
N VAL A 1063 70.74 34.80 25.12
CA VAL A 1063 71.38 35.01 23.83
C VAL A 1063 72.87 34.71 23.99
N GLN A 1064 73.52 34.54 22.84
CA GLN A 1064 74.98 34.46 22.76
C GLN A 1064 75.50 35.91 22.77
N PRO A 1065 76.23 36.37 23.81
CA PRO A 1065 76.68 37.75 23.85
C PRO A 1065 77.97 38.03 23.07
N ASN A 1066 78.26 39.33 22.93
CA ASN A 1066 79.42 39.82 22.21
C ASN A 1066 79.43 39.38 20.74
N GLN A 1067 78.23 39.28 20.12
CA GLN A 1067 78.16 39.36 18.67
C GLN A 1067 77.00 40.27 18.34
N ARG A 1068 76.95 40.72 17.08
CA ARG A 1068 76.01 41.72 16.63
C ARG A 1068 74.70 41.07 16.21
N TYR A 1069 73.61 41.59 16.74
CA TYR A 1069 72.27 41.21 16.32
C TYR A 1069 71.59 42.38 15.62
N VAL A 1070 70.55 42.07 14.82
CA VAL A 1070 69.61 43.07 14.35
C VAL A 1070 68.22 42.70 14.87
N LEU A 1071 67.53 43.70 15.42
CA LEU A 1071 66.17 43.57 15.91
C LEU A 1071 65.24 44.21 14.88
N ARG A 1072 64.27 43.42 14.40
CA ARG A 1072 63.29 43.85 13.42
C ARG A 1072 61.89 43.67 14.01
N VAL A 1073 61.10 44.76 13.96
CA VAL A 1073 59.80 44.84 14.58
C VAL A 1073 58.78 45.30 13.53
N THR A 1074 57.72 44.50 13.39
CA THR A 1074 56.66 44.80 12.45
C THR A 1074 55.37 45.02 13.24
N ALA A 1075 54.87 46.26 13.21
CA ALA A 1075 53.82 46.68 14.10
C ALA A 1075 53.05 47.82 13.46
N ARG A 1076 51.93 48.14 14.12
CA ARG A 1076 51.03 49.21 13.76
C ARG A 1076 50.48 49.82 15.04
N LYS A 1077 50.57 51.14 15.12
CA LYS A 1077 50.07 51.89 16.26
C LYS A 1077 48.90 52.72 15.75
N GLU A 1078 47.73 52.54 16.39
CA GLU A 1078 46.54 53.32 16.09
C GLU A 1078 46.23 54.27 17.26
N GLY A 1079 45.54 55.37 16.94
CA GLY A 1079 45.06 56.32 17.94
C GLY A 1079 46.19 57.18 18.51
N VAL A 1080 45.86 57.98 19.52
CA VAL A 1080 46.81 58.89 20.14
C VAL A 1080 47.99 58.13 20.74
N GLY A 1081 49.13 58.83 20.83
CA GLY A 1081 50.26 58.38 21.65
C GLY A 1081 51.16 57.37 20.92
N ASN A 1082 52.16 56.85 21.65
CA ASN A 1082 53.21 56.05 21.04
C ASN A 1082 53.16 54.60 21.53
N GLY A 1083 53.60 53.70 20.65
CA GLY A 1083 53.90 52.32 21.04
C GLY A 1083 55.40 52.16 21.14
N TYR A 1084 55.87 51.42 22.16
CA TYR A 1084 57.29 51.27 22.42
C TYR A 1084 57.66 49.79 22.46
N VAL A 1085 58.79 49.48 21.81
CA VAL A 1085 59.50 48.22 21.98
C VAL A 1085 60.91 48.53 22.49
N SER A 1086 61.19 48.06 23.70
CA SER A 1086 62.42 48.31 24.40
C SER A 1086 63.17 47.01 24.58
N ILE A 1087 64.47 46.98 24.23
CA ILE A 1087 65.35 45.86 24.53
C ILE A 1087 66.53 46.35 25.38
N ARG A 1088 66.97 45.48 26.30
CA ARG A 1088 68.14 45.76 27.11
C ARG A 1088 68.83 44.46 27.45
N ASP A 1089 70.11 44.58 27.84
CA ASP A 1089 70.91 43.47 28.34
C ASP A 1089 70.95 43.63 29.86
N GLY A 1090 71.84 42.88 30.52
CA GLY A 1090 71.90 42.88 31.97
C GLY A 1090 72.88 43.91 32.52
N GLY A 1091 73.33 44.84 31.65
CA GLY A 1091 74.48 45.71 31.90
C GLY A 1091 74.13 47.17 31.64
N ASN A 1092 74.59 47.72 30.50
CA ASN A 1092 74.45 49.14 30.22
C ASN A 1092 73.97 49.41 28.79
N GLN A 1093 73.56 48.35 28.06
CA GLN A 1093 73.07 48.47 26.70
C GLN A 1093 71.54 48.44 26.66
N SER A 1094 70.97 49.33 25.86
CA SER A 1094 69.53 49.48 25.80
C SER A 1094 69.16 50.21 24.52
N GLU A 1095 68.10 49.75 23.84
CA GLU A 1095 67.58 50.39 22.64
C GLU A 1095 66.05 50.42 22.70
N THR A 1096 65.48 51.52 22.21
CA THR A 1096 64.04 51.69 22.15
C THR A 1096 63.64 52.01 20.71
N LEU A 1097 62.64 51.29 20.18
CA LEU A 1097 61.95 51.66 18.94
C LEU A 1097 60.60 52.26 19.33
N THR A 1098 60.20 53.28 18.57
CA THR A 1098 58.96 54.01 18.75
C THR A 1098 58.09 53.87 17.50
N PHE A 1099 56.77 53.76 17.72
CA PHE A 1099 55.76 53.69 16.66
C PHE A 1099 54.61 54.61 17.02
N SER A 1100 54.12 55.32 16.01
CA SER A 1100 52.94 56.14 16.17
C SER A 1100 52.13 56.18 14.87
N ALA A 1101 50.93 56.77 14.96
CA ALA A 1101 50.07 56.98 13.81
C ALA A 1101 50.75 57.84 12.76
N SER A 1102 51.74 58.66 13.15
CA SER A 1102 52.40 59.57 12.21
C SER A 1102 53.37 58.82 11.29
N ASP A 1103 53.71 57.56 11.60
CA ASP A 1103 54.49 56.72 10.69
C ASP A 1103 53.85 56.55 9.31
N TYR A 1104 52.57 56.97 9.13
CA TYR A 1104 51.91 56.89 7.83
C TYR A 1104 52.11 58.20 7.07
N ASP A 1105 51.78 59.33 7.72
CA ASP A 1105 51.80 60.67 7.12
C ASP A 1105 52.72 60.77 5.90
N THR A 1106 52.13 61.16 4.77
CA THR A 1106 52.88 61.53 3.59
C THR A 1106 52.61 63.01 3.30
N ASN A 1107 53.58 63.67 2.64
CA ASN A 1107 53.55 65.12 2.46
C ASN A 1107 52.96 65.47 1.09
N GLY A 1108 52.49 64.45 0.35
CA GLY A 1108 51.90 64.64 -0.96
C GLY A 1108 52.97 64.78 -2.03
N MET A 1109 52.55 65.24 -3.21
CA MET A 1109 53.47 65.57 -4.28
C MET A 1109 53.87 67.04 -4.19
N TYR A 1110 52.93 67.89 -3.74
CA TYR A 1110 52.99 69.34 -3.84
C TYR A 1110 52.33 69.75 -5.16
N ASP A 1111 51.25 69.03 -5.55
CA ASP A 1111 50.44 69.34 -6.72
C ASP A 1111 51.22 69.05 -8.01
N THR A 1112 51.72 67.81 -8.13
CA THR A 1112 52.61 67.39 -9.23
C THR A 1112 53.61 68.51 -9.55
N GLN A 1113 54.22 69.08 -8.50
CA GLN A 1113 55.18 70.16 -8.56
C GLN A 1113 55.05 70.94 -9.88
N ALA A 1114 53.86 71.57 -10.05
CA ALA A 1114 53.52 72.50 -11.12
C ALA A 1114 54.49 72.46 -12.30
N SER A 1115 54.21 71.59 -13.29
CA SER A 1115 55.17 71.30 -14.36
C SER A 1115 54.57 71.48 -15.77
N ASN A 1116 53.26 71.68 -15.90
CA ASN A 1116 52.56 71.53 -17.18
C ASN A 1116 52.30 72.90 -17.80
N THR A 1117 51.85 72.94 -19.07
CA THR A 1117 51.65 74.19 -19.81
C THR A 1117 50.48 74.07 -20.81
N ASN A 1118 49.72 75.16 -20.93
CA ASN A 1118 48.72 75.37 -21.99
C ASN A 1118 47.32 74.96 -21.52
N GLY A 1119 47.15 74.72 -20.21
CA GLY A 1119 45.83 74.70 -19.57
C GLY A 1119 45.46 73.34 -18.97
N TYR A 1120 46.39 72.75 -18.19
CA TYR A 1120 46.12 71.53 -17.43
C TYR A 1120 46.92 71.60 -16.13
N ASN A 1121 46.25 71.37 -14.99
CA ASN A 1121 46.87 71.45 -13.67
C ASN A 1121 46.26 70.42 -12.71
N THR A 1122 46.27 69.14 -13.13
CA THR A 1122 45.71 68.06 -12.33
C THR A 1122 46.62 67.79 -11.13
N ASN A 1123 46.10 67.06 -10.13
CA ASN A 1123 46.88 66.71 -8.94
C ASN A 1123 47.09 65.19 -8.94
N SER A 1124 46.83 64.54 -7.79
CA SER A 1124 46.84 63.09 -7.70
C SER A 1124 45.81 62.66 -6.66
N VAL A 1125 45.87 61.39 -6.23
CA VAL A 1125 44.97 60.90 -5.19
C VAL A 1125 45.79 60.36 -4.01
N TYR A 1126 47.04 60.84 -3.88
CA TYR A 1126 47.92 60.59 -2.73
C TYR A 1126 47.43 59.38 -1.95
N ASN A 1127 47.54 58.19 -2.58
CA ASN A 1127 46.84 56.99 -2.17
C ASN A 1127 47.47 56.42 -0.90
N ASP A 1128 46.70 56.43 0.22
CA ASP A 1128 47.21 56.04 1.53
C ASP A 1128 46.40 54.83 2.02
N GLN A 1129 47.09 53.81 2.55
CA GLN A 1129 46.45 52.62 3.10
C GLN A 1129 46.90 52.39 4.55
N THR A 1130 46.60 51.20 5.07
CA THR A 1130 46.88 50.85 6.45
C THR A 1130 47.36 49.39 6.52
N GLY A 1131 48.69 49.25 6.61
CA GLY A 1131 49.37 47.98 6.83
C GLY A 1131 50.36 48.13 7.98
N TYR A 1132 51.41 47.30 7.99
CA TYR A 1132 52.35 47.33 9.09
C TYR A 1132 53.63 48.07 8.68
N ILE A 1133 54.31 48.62 9.68
CA ILE A 1133 55.58 49.29 9.48
C ILE A 1133 56.64 48.40 10.11
N THR A 1134 57.78 48.27 9.44
CA THR A 1134 58.94 47.57 9.98
C THR A 1134 60.07 48.56 10.32
N LYS A 1135 60.58 48.46 11.54
CA LYS A 1135 61.66 49.30 12.03
C LYS A 1135 62.73 48.39 12.62
N THR A 1136 63.99 48.84 12.51
CA THR A 1136 65.12 48.01 12.91
C THR A 1136 66.04 48.79 13.83
N VAL A 1137 66.84 48.03 14.62
CA VAL A 1137 67.98 48.57 15.35
C VAL A 1137 69.03 47.47 15.52
N THR A 1138 70.33 47.83 15.51
CA THR A 1138 71.36 46.84 15.84
C THR A 1138 71.64 46.85 17.34
N PHE A 1139 72.20 45.74 17.83
CA PHE A 1139 72.39 45.51 19.26
C PHE A 1139 73.46 44.45 19.47
N ILE A 1140 74.33 44.73 20.43
CA ILE A 1140 75.34 43.81 20.91
C ILE A 1140 75.12 43.62 22.41
N PRO A 1141 74.59 42.46 22.84
CA PRO A 1141 74.47 42.18 24.27
C PRO A 1141 75.83 41.84 24.86
N TYR A 1142 76.11 42.36 26.06
CA TYR A 1142 77.34 42.05 26.75
C TYR A 1142 77.09 41.09 27.92
N THR A 1143 75.83 40.69 28.12
CA THR A 1143 75.49 39.59 29.02
C THR A 1143 74.68 38.58 28.22
N ASN A 1144 74.43 37.41 28.81
CA ASN A 1144 73.70 36.39 28.07
C ASN A 1144 72.20 36.42 28.36
N GLN A 1145 71.73 37.33 29.22
CA GLN A 1145 70.31 37.55 29.42
C GLN A 1145 69.88 38.84 28.73
N MET A 1146 68.69 38.83 28.11
CA MET A 1146 68.10 40.02 27.52
C MET A 1146 66.64 40.15 27.94
N TRP A 1147 66.14 41.39 27.99
CA TRP A 1147 64.73 41.68 28.24
C TRP A 1147 64.18 42.35 27.00
N ILE A 1148 62.93 42.04 26.67
CA ILE A 1148 62.20 42.81 25.67
C ILE A 1148 60.90 43.25 26.36
N GLU A 1149 60.51 44.51 26.15
CA GLU A 1149 59.32 45.03 26.79
C GLU A 1149 58.50 45.79 25.76
N ILE A 1150 57.19 45.52 25.73
CA ILE A 1150 56.27 46.12 24.77
C ILE A 1150 55.15 46.83 25.54
N SER A 1151 54.81 48.06 25.12
CA SER A 1151 53.91 48.93 25.86
C SER A 1151 53.45 50.07 24.98
N GLU A 1152 52.54 50.90 25.51
CA GLU A 1152 52.03 52.07 24.79
C GLU A 1152 51.53 53.12 25.79
N THR A 1153 51.35 54.35 25.30
CA THR A 1153 50.88 55.45 26.15
C THR A 1153 49.38 55.67 26.02
N GLU A 1154 48.75 55.09 24.98
CA GLU A 1154 47.35 55.34 24.66
C GLU A 1154 46.99 54.62 23.35
N GLY A 1155 45.69 54.47 23.09
CA GLY A 1155 45.17 53.86 21.87
C GLY A 1155 45.40 52.35 21.86
N THR A 1156 45.73 51.81 20.67
CA THR A 1156 45.82 50.37 20.44
C THR A 1156 47.11 50.09 19.66
N PHE A 1157 47.80 48.99 20.02
CA PHE A 1157 49.08 48.64 19.45
C PHE A 1157 49.05 47.18 18.99
N TYR A 1158 49.33 46.96 17.69
CA TYR A 1158 49.35 45.64 17.08
C TYR A 1158 50.78 45.26 16.76
N ILE A 1159 51.22 44.06 17.20
CA ILE A 1159 52.56 43.57 16.91
C ILE A 1159 52.44 42.29 16.12
N GLU A 1160 52.92 42.32 14.88
CA GLU A 1160 52.90 41.13 14.05
C GLU A 1160 54.11 40.22 14.35
N SER A 1161 55.30 40.81 14.52
CA SER A 1161 56.47 40.02 14.87
C SER A 1161 57.56 40.88 15.48
N VAL A 1162 58.26 40.27 16.45
CA VAL A 1162 59.55 40.78 16.93
C VAL A 1162 60.58 39.70 16.68
N GLU A 1163 61.61 40.03 15.87
CA GLU A 1163 62.68 39.08 15.63
C GLU A 1163 64.04 39.73 15.94
N LEU A 1164 64.85 38.96 16.66
CA LEU A 1164 66.24 39.29 16.93
C LEU A 1164 67.09 38.25 16.24
N ILE A 1165 67.89 38.66 15.25
CA ILE A 1165 68.69 37.66 14.55
C ILE A 1165 70.14 38.11 14.45
N VAL A 1166 70.99 37.11 14.21
CA VAL A 1166 72.42 37.34 14.05
C VAL A 1166 72.58 38.21 12.82
N ASP A 1167 73.33 39.31 12.97
CA ASP A 1167 73.53 40.22 11.86
C ASP A 1167 74.68 39.73 10.97
N VAL A 1168 74.31 39.41 9.72
CA VAL A 1168 75.25 39.02 8.69
C VAL A 1168 75.36 40.12 7.62
N GLU A 1169 74.78 41.29 7.84
CA GLU A 1169 74.90 42.37 6.86
C GLU A 1169 76.38 42.67 6.57
#